data_5U3K
#
_entry.id   5U3K
#
_cell.length_a   109.396
_cell.length_b   75.756
_cell.length_c   122.630
_cell.angle_alpha   90.00
_cell.angle_beta   94.29
_cell.angle_gamma   90.00
#
_symmetry.space_group_name_H-M   'C 1 2 1'
#
loop_
_entity.id
_entity.type
_entity.pdbx_description
1 polymer 'DH511.2 Fab Heavy Chain'
2 polymer 'DH511.2 Fab Light Chain'
3 polymer 'gp41 MPER peptide'
4 non-polymer 'CALCIUM ION'
5 non-polymer 'CHLORIDE ION'
6 water water
#
loop_
_entity_poly.entity_id
_entity_poly.type
_entity_poly.pdbx_seq_one_letter_code
_entity_poly.pdbx_strand_id
1 'polypeptide(L)'
;QVQLVQSGGGLVKPGGSLTLSCSASGFFFDNSWMGWVRQAPGKGLEWVGRIRRLKDGATGEYGAAVKDRFTISRDDSRNM
LYLHMRTLKTEDSGTYYCTMDEGTPVTRFLEWGYFYYYMAVWGRGTTVIVSSASTKGPSVFPLAPSSKSTSGGTAALGCL
VKDYFPEPVTVSWNSGALTSGVHTFPAVLQSSGLYSLSSVVTVPSSSLGTQTYICNVNHKPSNTKVDKRVEP
;
H,A
2 'polypeptide(L)'
;DIVMTQSPSSVSASVGDRVTITCRASQNIRDYLNWYQHKPGGSPRLLIYAASTLQTGVPSRFSGSGSGNLFTLTITNLQP
EDFATYYCQENYNTIPSLSFGQGTKVDIRRTVAAPSVFIFPPSDEQLKSGTASVVCLLNNFYPREAKVQWKVDNALQSGN
SQESVTEQDSKDSTYSLSSTLTLSKADYEKHKVYACEVTHQGLSSPVTKSFNRG
;
L,B
3 'polypeptide(L)' KKKELDKWASLWNWFDITNWLWYIRKKK P,C
#
loop_
_chem_comp.id
_chem_comp.type
_chem_comp.name
_chem_comp.formula
CA non-polymer 'CALCIUM ION' 'Ca 2'
CL non-polymer 'CHLORIDE ION' 'Cl -1'
#
# COMPACT_ATOMS: atom_id res chain seq x y z
N GLN A 1 -15.21 -27.63 7.87
CA GLN A 1 -15.30 -26.76 6.65
C GLN A 1 -13.96 -26.10 6.37
N VAL A 2 -13.54 -26.17 5.11
CA VAL A 2 -12.26 -25.61 4.70
C VAL A 2 -12.41 -24.10 4.53
N GLN A 3 -11.43 -23.36 5.02
CA GLN A 3 -11.44 -21.91 4.88
C GLN A 3 -10.05 -21.45 4.42
N LEU A 4 -10.02 -20.81 3.26
CA LEU A 4 -8.82 -20.18 2.75
C LEU A 4 -9.09 -18.69 2.69
N VAL A 5 -8.18 -17.89 3.25
CA VAL A 5 -8.25 -16.45 3.18
C VAL A 5 -6.93 -15.94 2.63
N GLN A 6 -7.00 -15.11 1.60
CA GLN A 6 -5.83 -14.62 0.90
C GLN A 6 -5.60 -13.15 1.24
N SER A 7 -4.34 -12.75 1.17
CA SER A 7 -3.96 -11.35 1.35
C SER A 7 -2.71 -11.10 0.53
N GLY A 8 -2.20 -9.89 0.61
CA GLY A 8 -1.07 -9.51 -0.20
C GLY A 8 -1.54 -9.11 -1.59
N GLY A 9 -0.56 -8.94 -2.48
CA GLY A 9 -0.88 -8.54 -3.83
C GLY A 9 -1.08 -7.04 -3.91
N GLY A 10 -1.91 -6.63 -4.87
CA GLY A 10 -2.17 -5.22 -5.08
C GLY A 10 -1.50 -4.69 -6.33
N LEU A 11 -1.20 -3.39 -6.33
CA LEU A 11 -0.63 -2.71 -7.47
C LEU A 11 0.88 -2.63 -7.39
N VAL A 12 1.54 -2.82 -8.53
CA VAL A 12 2.99 -2.73 -8.62
C VAL A 12 3.34 -2.45 -10.08
N LYS A 13 4.40 -1.69 -10.28
CA LYS A 13 4.85 -1.40 -11.63
C LYS A 13 5.52 -2.64 -12.24
N PRO A 14 5.56 -2.73 -13.56
CA PRO A 14 6.24 -3.87 -14.20
C PRO A 14 7.70 -3.94 -13.77
N GLY A 15 8.24 -5.15 -13.79
CA GLY A 15 9.60 -5.40 -13.33
C GLY A 15 9.76 -5.49 -11.83
N GLY A 16 8.72 -5.20 -11.05
CA GLY A 16 8.80 -5.25 -9.61
C GLY A 16 8.33 -6.58 -9.04
N SER A 17 8.48 -6.70 -7.72
CA SER A 17 8.18 -7.92 -7.00
C SER A 17 6.91 -7.75 -6.17
N LEU A 18 6.37 -8.88 -5.72
CA LEU A 18 5.09 -8.88 -5.00
C LEU A 18 4.85 -10.26 -4.43
N THR A 19 4.41 -10.31 -3.17
CA THR A 19 4.19 -11.57 -2.47
C THR A 19 2.70 -11.71 -2.13
N LEU A 20 2.12 -12.84 -2.51
CA LEU A 20 0.77 -13.20 -2.08
C LEU A 20 0.86 -14.20 -0.93
N SER A 21 -0.18 -14.23 -0.10
CA SER A 21 -0.24 -15.13 1.03
C SER A 21 -1.61 -15.76 1.13
N CYS A 22 -1.64 -17.02 1.56
CA CYS A 22 -2.86 -17.80 1.69
C CYS A 22 -2.84 -18.49 3.03
N SER A 23 -3.81 -18.18 3.88
CA SER A 23 -3.88 -18.73 5.23
C SER A 23 -4.90 -19.85 5.26
N ALA A 24 -4.47 -21.02 5.71
CA ALA A 24 -5.29 -22.21 5.73
C ALA A 24 -5.90 -22.44 7.11
N SER A 25 -7.10 -23.03 7.11
CA SER A 25 -7.78 -23.40 8.35
C SER A 25 -8.90 -24.36 8.01
N GLY A 26 -9.11 -25.36 8.88
CA GLY A 26 -10.16 -26.34 8.69
C GLY A 26 -9.68 -27.68 8.18
N PHE A 27 -8.40 -27.83 7.86
CA PHE A 27 -7.86 -29.09 7.37
C PHE A 27 -6.40 -29.20 7.78
N PHE A 28 -5.77 -30.32 7.44
CA PHE A 28 -4.39 -30.59 7.82
C PHE A 28 -3.48 -29.98 6.76
N PHE A 29 -3.07 -28.73 7.00
CA PHE A 29 -2.23 -28.03 6.03
C PHE A 29 -0.97 -28.82 5.70
N ASP A 30 -0.30 -29.34 6.73
CA ASP A 30 1.01 -29.96 6.51
C ASP A 30 0.92 -31.18 5.60
N ASN A 31 -0.22 -31.87 5.61
CA ASN A 31 -0.41 -33.10 4.85
C ASN A 31 -1.06 -32.85 3.50
N SER A 32 -1.08 -31.61 3.02
CA SER A 32 -1.80 -31.26 1.82
C SER A 32 -0.89 -30.56 0.82
N TRP A 33 -1.03 -30.90 -0.45
CA TRP A 33 -0.41 -30.14 -1.51
C TRP A 33 -1.22 -28.87 -1.77
N MET A 34 -0.52 -27.81 -2.16
CA MET A 34 -1.16 -26.50 -2.36
C MET A 34 -0.63 -25.88 -3.63
N GLY A 35 -1.36 -24.88 -4.12
CA GLY A 35 -0.95 -24.21 -5.34
C GLY A 35 -1.73 -22.94 -5.59
N TRP A 36 -1.57 -22.42 -6.80
CA TRP A 36 -2.17 -21.16 -7.20
C TRP A 36 -2.70 -21.27 -8.62
N VAL A 37 -3.76 -20.51 -8.90
CA VAL A 37 -4.32 -20.38 -10.23
C VAL A 37 -4.67 -18.91 -10.44
N ARG A 38 -4.45 -18.41 -11.66
CA ARG A 38 -4.69 -17.00 -11.96
C ARG A 38 -5.62 -16.88 -13.15
N GLN A 39 -6.20 -15.67 -13.29
CA GLN A 39 -7.14 -15.38 -14.36
C GLN A 39 -6.97 -13.92 -14.73
N ALA A 40 -6.29 -13.66 -15.83
CA ALA A 40 -6.19 -12.29 -16.33
C ALA A 40 -7.58 -11.75 -16.63
N PRO A 41 -7.78 -10.44 -16.51
CA PRO A 41 -9.12 -9.88 -16.76
C PRO A 41 -9.55 -10.15 -18.20
N GLY A 42 -10.78 -10.66 -18.34
CA GLY A 42 -11.32 -11.03 -19.63
C GLY A 42 -10.84 -12.36 -20.15
N LYS A 43 -9.89 -13.01 -19.49
CA LYS A 43 -9.34 -14.29 -19.91
C LYS A 43 -9.82 -15.39 -18.97
N GLY A 44 -9.45 -16.62 -19.32
CA GLY A 44 -9.82 -17.79 -18.54
C GLY A 44 -8.77 -18.15 -17.51
N LEU A 45 -8.93 -19.36 -16.95
CA LEU A 45 -8.06 -19.82 -15.89
C LEU A 45 -6.73 -20.30 -16.47
N GLU A 46 -5.69 -20.21 -15.64
CA GLU A 46 -4.34 -20.60 -16.04
C GLU A 46 -3.59 -21.04 -14.80
N TRP A 47 -3.18 -22.30 -14.76
CA TRP A 47 -2.44 -22.81 -13.62
C TRP A 47 -1.12 -22.07 -13.47
N VAL A 48 -0.75 -21.76 -12.23
CA VAL A 48 0.47 -21.02 -11.92
C VAL A 48 1.53 -21.93 -11.33
N GLY A 49 1.19 -22.69 -10.29
CA GLY A 49 2.15 -23.59 -9.68
C GLY A 49 1.53 -24.31 -8.50
N ARG A 50 2.26 -25.33 -8.03
CA ARG A 50 1.88 -26.10 -6.85
C ARG A 50 3.12 -26.33 -6.00
N ILE A 51 2.91 -26.80 -4.78
CA ILE A 51 3.99 -27.15 -3.88
C ILE A 51 3.59 -28.40 -3.10
N ARG A 52 4.56 -29.26 -2.84
CA ARG A 52 4.33 -30.52 -2.13
C ARG A 52 4.56 -30.34 -0.64
N ARG A 53 4.23 -31.41 0.11
CA ARG A 53 4.50 -31.43 1.53
C ARG A 53 6.00 -31.37 1.77
N LEU A 54 6.37 -30.96 2.99
CA LEU A 54 7.78 -30.92 3.35
C LEU A 54 8.41 -32.31 3.23
N LYS A 55 7.69 -33.35 3.66
CA LYS A 55 8.26 -34.69 3.60
C LYS A 55 8.46 -35.15 2.16
N ASP A 56 7.68 -34.61 1.23
CA ASP A 56 7.87 -34.92 -0.18
C ASP A 56 8.98 -34.11 -0.82
N GLY A 57 9.70 -33.31 -0.04
CA GLY A 57 10.73 -32.44 -0.56
C GLY A 57 10.33 -31.00 -0.74
N ALA A 58 9.07 -30.65 -0.47
CA ALA A 58 8.58 -29.29 -0.67
C ALA A 58 8.89 -28.79 -2.08
N THR A 59 8.69 -29.66 -3.06
CA THR A 59 9.06 -29.35 -4.44
C THR A 59 8.08 -28.36 -5.04
N GLY A 60 8.61 -27.27 -5.61
CA GLY A 60 7.81 -26.28 -6.29
C GLY A 60 7.83 -26.49 -7.79
N GLU A 61 6.65 -26.67 -8.36
CA GLU A 61 6.48 -26.86 -9.80
C GLU A 61 5.61 -25.74 -10.36
N TYR A 62 6.01 -25.18 -11.49
CA TYR A 62 5.40 -23.96 -12.00
C TYR A 62 5.04 -24.12 -13.47
N GLY A 63 4.03 -23.35 -13.90
CA GLY A 63 3.67 -23.32 -15.29
C GLY A 63 4.70 -22.61 -16.14
N ALA A 64 4.60 -22.82 -17.45
CA ALA A 64 5.60 -22.28 -18.37
C ALA A 64 5.65 -20.75 -18.32
N ALA A 65 4.49 -20.10 -18.28
CA ALA A 65 4.47 -18.64 -18.33
C ALA A 65 5.17 -18.01 -17.13
N VAL A 66 5.21 -18.71 -15.99
CA VAL A 66 5.74 -18.13 -14.76
C VAL A 66 6.98 -18.84 -14.24
N LYS A 67 7.38 -19.96 -14.84
CA LYS A 67 8.59 -20.65 -14.39
C LYS A 67 9.81 -19.74 -14.55
N ASP A 68 10.69 -19.77 -13.56
CA ASP A 68 11.92 -19.00 -13.46
C ASP A 68 11.67 -17.61 -12.86
N ARG A 69 10.42 -17.20 -12.71
CA ARG A 69 10.08 -15.89 -12.19
C ARG A 69 9.25 -15.95 -10.91
N PHE A 70 8.34 -16.91 -10.80
CA PHE A 70 7.52 -17.09 -9.61
C PHE A 70 8.05 -18.27 -8.81
N THR A 71 8.01 -18.16 -7.48
CA THR A 71 8.41 -19.24 -6.59
C THR A 71 7.39 -19.41 -5.48
N ILE A 72 7.04 -20.66 -5.17
CA ILE A 72 6.08 -20.99 -4.12
C ILE A 72 6.85 -21.49 -2.90
N SER A 73 6.34 -21.14 -1.71
CA SER A 73 6.91 -21.62 -0.46
C SER A 73 5.79 -21.78 0.55
N ARG A 74 6.02 -22.64 1.54
CA ARG A 74 5.02 -22.94 2.55
C ARG A 74 5.63 -22.82 3.94
N ASP A 75 4.74 -22.63 4.92
CA ASP A 75 5.12 -22.55 6.34
C ASP A 75 4.14 -23.42 7.13
N ASP A 76 4.58 -24.62 7.50
CA ASP A 76 3.69 -25.57 8.17
C ASP A 76 3.40 -25.18 9.61
N SER A 77 4.27 -24.40 10.24
CA SER A 77 4.01 -23.97 11.62
C SER A 77 2.98 -22.86 11.66
N ARG A 78 2.98 -21.98 10.65
CA ARG A 78 2.01 -20.90 10.54
C ARG A 78 0.84 -21.25 9.63
N ASN A 79 0.90 -22.37 8.90
CA ASN A 79 -0.16 -22.78 7.98
C ASN A 79 -0.37 -21.73 6.89
N MET A 80 0.72 -21.29 6.30
CA MET A 80 0.71 -20.22 5.30
C MET A 80 1.30 -20.72 3.99
N LEU A 81 0.66 -20.32 2.88
CA LEU A 81 1.17 -20.57 1.54
C LEU A 81 1.49 -19.23 0.89
N TYR A 82 2.66 -19.12 0.29
CA TYR A 82 3.13 -17.87 -0.31
C TYR A 82 3.39 -18.06 -1.79
N LEU A 83 3.08 -17.03 -2.58
CA LEU A 83 3.46 -16.95 -3.98
C LEU A 83 4.32 -15.72 -4.15
N HIS A 84 5.63 -15.92 -4.36
CA HIS A 84 6.58 -14.83 -4.53
C HIS A 84 6.70 -14.50 -6.01
N MET A 85 6.25 -13.32 -6.40
CA MET A 85 6.29 -12.88 -7.79
C MET A 85 7.35 -11.79 -7.94
N ARG A 86 8.30 -12.02 -8.84
CA ARG A 86 9.33 -11.04 -9.15
C ARG A 86 9.46 -10.90 -10.65
N THR A 87 10.09 -9.80 -11.07
CA THR A 87 10.21 -9.46 -12.48
C THR A 87 8.86 -9.56 -13.17
N LEU A 88 7.87 -8.86 -12.61
CA LEU A 88 6.51 -8.94 -13.07
C LEU A 88 6.33 -8.25 -14.41
N LYS A 89 5.30 -8.66 -15.14
CA LYS A 89 4.95 -8.09 -16.42
C LYS A 89 3.45 -7.77 -16.43
N THR A 90 3.07 -6.82 -17.27
CA THR A 90 1.67 -6.42 -17.33
C THR A 90 0.77 -7.62 -17.59
N GLU A 91 1.24 -8.59 -18.36
CA GLU A 91 0.44 -9.78 -18.66
C GLU A 91 0.28 -10.69 -17.45
N ASP A 92 0.95 -10.41 -16.33
CA ASP A 92 0.75 -11.17 -15.10
C ASP A 92 -0.43 -10.66 -14.27
N SER A 93 -1.08 -9.58 -14.70
CA SER A 93 -2.23 -9.05 -13.98
C SER A 93 -3.38 -10.05 -13.99
N GLY A 94 -4.18 -10.02 -12.94
CA GLY A 94 -5.36 -10.86 -12.87
C GLY A 94 -5.65 -11.23 -11.43
N THR A 95 -6.61 -12.15 -11.27
CA THR A 95 -7.03 -12.64 -9.97
C THR A 95 -6.33 -13.98 -9.69
N TYR A 96 -5.52 -14.00 -8.64
CA TYR A 96 -4.81 -15.20 -8.23
C TYR A 96 -5.58 -15.88 -7.10
N TYR A 97 -5.95 -17.14 -7.33
CA TYR A 97 -6.60 -17.97 -6.31
C TYR A 97 -5.59 -18.98 -5.80
N CYS A 98 -5.46 -19.08 -4.47
CA CYS A 98 -4.74 -20.20 -3.88
C CYS A 98 -5.68 -21.39 -3.77
N THR A 99 -5.13 -22.57 -4.01
CA THR A 99 -5.93 -23.79 -4.07
C THR A 99 -5.40 -24.81 -3.10
N MET A 100 -6.32 -25.63 -2.58
CA MET A 100 -5.97 -26.85 -1.86
C MET A 100 -6.06 -28.00 -2.85
N ASP A 101 -4.91 -28.50 -3.28
CA ASP A 101 -4.87 -29.60 -4.23
C ASP A 101 -4.87 -30.94 -3.51
N GLU A 102 -5.40 -31.95 -4.19
CA GLU A 102 -5.30 -33.32 -3.72
C GLU A 102 -5.28 -34.25 -4.93
N GLY A 103 -4.99 -35.52 -4.67
CA GLY A 103 -4.88 -36.48 -5.73
C GLY A 103 -5.57 -37.79 -5.36
N THR A 104 -5.80 -38.60 -6.38
CA THR A 104 -6.39 -39.92 -6.21
C THR A 104 -5.51 -40.92 -6.95
N PRO A 105 -4.98 -41.95 -6.29
CA PRO A 105 -4.12 -42.92 -7.00
C PRO A 105 -4.87 -43.62 -8.13
N VAL A 106 -4.16 -43.80 -9.25
CA VAL A 106 -4.67 -44.60 -10.36
C VAL A 106 -4.44 -46.07 -10.05
N THR A 107 -5.49 -46.88 -10.24
CA THR A 107 -5.44 -48.29 -9.90
C THR A 107 -4.98 -49.17 -11.04
N ARG A 108 -5.12 -48.73 -12.30
CA ARG A 108 -4.66 -49.51 -13.42
C ARG A 108 -3.18 -49.83 -13.25
N PHE A 109 -2.87 -51.12 -13.16
CA PHE A 109 -1.53 -51.55 -12.77
C PHE A 109 -0.45 -50.86 -13.58
N LEU A 110 -0.64 -50.77 -14.90
CA LEU A 110 0.37 -50.19 -15.76
C LEU A 110 0.65 -48.72 -15.42
N GLU A 111 -0.26 -48.06 -14.71
CA GLU A 111 -0.09 -46.68 -14.32
C GLU A 111 0.12 -46.52 -12.81
N TRP A 112 0.41 -47.61 -12.10
CA TRP A 112 0.75 -47.50 -10.68
C TRP A 112 1.90 -46.51 -10.50
N GLY A 113 1.70 -45.50 -9.66
CA GLY A 113 2.64 -44.42 -9.49
C GLY A 113 2.11 -43.09 -9.98
N TYR A 114 1.11 -43.10 -10.85
CA TYR A 114 0.46 -41.90 -11.34
C TYR A 114 -0.79 -41.61 -10.52
N PHE A 115 -1.24 -40.36 -10.60
CA PHE A 115 -2.39 -39.91 -9.82
C PHE A 115 -3.19 -38.89 -10.61
N TYR A 116 -4.50 -38.88 -10.36
CA TYR A 116 -5.32 -37.74 -10.74
C TYR A 116 -4.96 -36.57 -9.83
N TYR A 117 -4.97 -35.37 -10.40
CA TYR A 117 -4.58 -34.18 -9.65
C TYR A 117 -5.54 -33.06 -9.95
N TYR A 118 -6.02 -32.39 -8.90
CA TYR A 118 -7.06 -31.38 -9.06
C TYR A 118 -6.98 -30.40 -7.90
N MET A 119 -7.61 -29.24 -8.12
CA MET A 119 -7.77 -28.23 -7.07
C MET A 119 -9.11 -28.47 -6.40
N ALA A 120 -9.08 -28.96 -5.16
CA ALA A 120 -10.31 -29.36 -4.49
C ALA A 120 -10.99 -28.18 -3.80
N VAL A 121 -10.24 -27.20 -3.34
CA VAL A 121 -10.81 -26.04 -2.66
C VAL A 121 -10.04 -24.80 -3.10
N TRP A 122 -10.78 -23.77 -3.52
CA TRP A 122 -10.19 -22.54 -4.04
C TRP A 122 -10.52 -21.39 -3.09
N GLY A 123 -9.58 -20.46 -2.95
CA GLY A 123 -9.81 -19.28 -2.15
C GLY A 123 -10.67 -18.24 -2.89
N ARG A 124 -10.90 -17.13 -2.20
CA ARG A 124 -11.70 -16.05 -2.79
C ARG A 124 -10.95 -15.28 -3.86
N GLY A 125 -9.64 -15.44 -3.95
CA GLY A 125 -8.84 -14.75 -4.95
C GLY A 125 -8.33 -13.42 -4.46
N THR A 126 -7.14 -13.05 -4.92
CA THR A 126 -6.55 -11.75 -4.67
C THR A 126 -6.20 -11.11 -6.01
N THR A 127 -6.42 -9.80 -6.11
CA THR A 127 -6.19 -9.09 -7.37
C THR A 127 -4.74 -8.62 -7.45
N VAL A 128 -4.12 -8.83 -8.61
CA VAL A 128 -2.78 -8.34 -8.89
C VAL A 128 -2.87 -7.49 -10.15
N ILE A 129 -2.38 -6.25 -10.06
CA ILE A 129 -2.36 -5.32 -11.16
C ILE A 129 -0.92 -4.87 -11.38
N VAL A 130 -0.39 -5.17 -12.56
CA VAL A 130 0.97 -4.77 -12.93
C VAL A 130 0.82 -3.61 -13.91
N SER A 131 1.08 -2.41 -13.42
CA SER A 131 0.91 -1.20 -14.23
C SER A 131 1.77 -0.08 -13.65
N SER A 132 2.19 0.83 -14.51
CA SER A 132 2.96 2.00 -14.11
C SER A 132 2.09 3.15 -13.66
N ALA A 133 0.77 3.03 -13.76
CA ALA A 133 -0.11 4.15 -13.48
C ALA A 133 -0.12 4.53 -12.01
N SER A 134 -0.11 5.84 -11.76
CA SER A 134 -0.26 6.41 -10.44
C SER A 134 -1.74 6.54 -10.08
N THR A 135 -2.00 6.73 -8.79
CA THR A 135 -3.37 6.96 -8.34
C THR A 135 -3.92 8.27 -8.92
N LYS A 136 -5.13 8.20 -9.46
CA LYS A 136 -5.77 9.37 -10.06
C LYS A 136 -7.28 9.25 -9.90
N GLY A 137 -7.93 10.38 -9.63
CA GLY A 137 -9.36 10.43 -9.53
C GLY A 137 -10.00 10.61 -10.90
N PRO A 138 -11.29 10.26 -11.01
CA PRO A 138 -11.95 10.31 -12.32
C PRO A 138 -12.44 11.72 -12.65
N SER A 139 -12.66 11.93 -13.95
CA SER A 139 -13.35 13.10 -14.46
C SER A 139 -14.74 12.67 -14.90
N VAL A 140 -15.76 13.13 -14.19
CA VAL A 140 -17.14 12.71 -14.45
C VAL A 140 -17.73 13.67 -15.47
N PHE A 141 -18.08 13.13 -16.65
CA PHE A 141 -18.70 13.92 -17.69
C PHE A 141 -20.15 13.49 -17.88
N PRO A 142 -21.05 14.43 -18.16
CA PRO A 142 -22.47 14.07 -18.29
C PRO A 142 -22.80 13.47 -19.65
N LEU A 143 -23.91 12.74 -19.67
CA LEU A 143 -24.46 12.14 -20.89
C LEU A 143 -25.91 12.61 -20.98
N ALA A 144 -26.16 13.65 -21.82
CA ALA A 144 -27.47 14.27 -21.86
C ALA A 144 -28.25 13.78 -23.08
N PRO A 145 -29.59 13.82 -23.02
CA PRO A 145 -30.39 13.29 -24.12
C PRO A 145 -30.31 14.16 -25.37
N SER A 146 -30.64 13.55 -26.50
CA SER A 146 -30.68 14.20 -27.82
C SER A 146 -29.63 15.31 -27.96
N ALA A 155 -36.18 8.17 -22.45
CA ALA A 155 -34.91 8.84 -22.70
C ALA A 155 -33.78 8.14 -21.95
N ALA A 156 -32.54 8.43 -22.34
CA ALA A 156 -31.37 7.79 -21.77
C ALA A 156 -30.45 8.85 -21.19
N LEU A 157 -30.13 8.72 -19.90
CA LEU A 157 -29.18 9.58 -19.21
C LEU A 157 -28.01 8.74 -18.73
N GLY A 158 -26.86 9.39 -18.57
CA GLY A 158 -25.69 8.66 -18.11
C GLY A 158 -24.60 9.60 -17.65
N CYS A 159 -23.59 9.01 -17.01
CA CYS A 159 -22.39 9.70 -16.59
C CYS A 159 -21.18 8.95 -17.12
N LEU A 160 -20.16 9.70 -17.54
CA LEU A 160 -18.92 9.14 -18.05
C LEU A 160 -17.82 9.35 -17.02
N VAL A 161 -17.47 8.29 -16.31
CA VAL A 161 -16.38 8.31 -15.35
C VAL A 161 -15.12 7.92 -16.11
N LYS A 162 -14.22 8.88 -16.31
CA LYS A 162 -13.13 8.72 -17.26
C LYS A 162 -11.81 9.05 -16.59
N ASP A 163 -10.78 8.26 -16.93
CA ASP A 163 -9.41 8.55 -16.54
C ASP A 163 -9.20 8.48 -15.03
N TYR A 164 -9.41 7.30 -14.45
CA TYR A 164 -9.11 7.07 -13.04
C TYR A 164 -8.25 5.83 -12.92
N PHE A 165 -7.61 5.69 -11.76
CA PHE A 165 -6.80 4.52 -11.48
C PHE A 165 -6.42 4.49 -10.01
N PRO A 166 -6.47 3.33 -9.35
CA PRO A 166 -6.98 2.06 -9.89
C PRO A 166 -8.48 1.90 -9.73
N GLU A 167 -8.96 0.72 -10.09
CA GLU A 167 -10.32 0.35 -9.75
C GLU A 167 -10.45 0.28 -8.23
N PRO A 168 -11.69 0.32 -7.71
CA PRO A 168 -12.96 0.46 -8.41
C PRO A 168 -13.55 1.86 -8.35
N VAL A 169 -14.69 2.02 -8.99
CA VAL A 169 -15.50 3.23 -8.90
C VAL A 169 -16.91 2.81 -8.52
N THR A 170 -17.54 3.60 -7.66
CA THR A 170 -18.94 3.41 -7.30
C THR A 170 -19.78 4.51 -7.93
N VAL A 171 -20.93 4.13 -8.46
CA VAL A 171 -21.84 5.08 -9.09
C VAL A 171 -23.26 4.78 -8.64
N SER A 172 -23.93 5.79 -8.08
CA SER A 172 -25.35 5.73 -7.78
C SER A 172 -26.02 6.92 -8.45
N TRP A 173 -27.35 6.93 -8.43
CA TRP A 173 -28.12 8.00 -9.04
C TRP A 173 -29.13 8.54 -8.04
N ASN A 174 -29.18 9.86 -7.92
CA ASN A 174 -30.05 10.52 -6.94
C ASN A 174 -29.80 9.97 -5.54
N SER A 175 -28.52 9.79 -5.19
CA SER A 175 -28.13 9.32 -3.88
C SER A 175 -28.83 7.99 -3.55
N GLY A 176 -28.86 7.09 -4.53
CA GLY A 176 -29.45 5.79 -4.36
C GLY A 176 -30.97 5.74 -4.47
N ALA A 177 -31.64 6.90 -4.53
CA ALA A 177 -33.09 6.91 -4.65
C ALA A 177 -33.55 6.34 -5.98
N LEU A 178 -32.71 6.42 -7.02
CA LEU A 178 -33.05 5.93 -8.36
C LEU A 178 -32.21 4.69 -8.65
N THR A 179 -32.87 3.53 -8.71
CA THR A 179 -32.22 2.27 -9.05
C THR A 179 -32.91 1.50 -10.16
N SER A 180 -34.19 1.75 -10.41
CA SER A 180 -34.91 1.02 -11.46
C SER A 180 -34.45 1.49 -12.83
N GLY A 181 -33.91 0.57 -13.63
CA GLY A 181 -33.50 0.87 -14.98
C GLY A 181 -32.09 1.39 -15.12
N VAL A 182 -31.19 1.03 -14.19
CA VAL A 182 -29.81 1.51 -14.20
C VAL A 182 -28.91 0.44 -14.80
N HIS A 183 -27.89 0.88 -15.53
CA HIS A 183 -26.87 -0.02 -16.08
C HIS A 183 -25.52 0.65 -15.90
N THR A 184 -24.71 0.14 -14.97
CA THR A 184 -23.34 0.60 -14.78
C THR A 184 -22.41 -0.43 -15.41
N PHE A 185 -21.73 -0.03 -16.48
CA PHE A 185 -20.94 -0.97 -17.25
C PHE A 185 -19.61 -1.29 -16.54
N PRO A 186 -19.04 -2.47 -16.82
CA PRO A 186 -17.69 -2.77 -16.30
C PRO A 186 -16.67 -1.76 -16.82
N ALA A 187 -15.59 -1.61 -16.08
CA ALA A 187 -14.53 -0.71 -16.49
C ALA A 187 -13.75 -1.29 -17.65
N VAL A 188 -13.15 -0.41 -18.44
CA VAL A 188 -12.27 -0.79 -19.54
C VAL A 188 -10.94 -0.09 -19.34
N LEU A 189 -9.86 -0.82 -19.55
CA LEU A 189 -8.52 -0.23 -19.46
C LEU A 189 -8.19 0.46 -20.77
N GLN A 190 -7.92 1.76 -20.71
CA GLN A 190 -7.62 2.52 -21.91
C GLN A 190 -6.14 2.36 -22.26
N SER A 191 -5.80 2.72 -23.50
CA SER A 191 -4.43 2.62 -23.96
C SER A 191 -3.48 3.47 -23.12
N SER A 192 -4.00 4.46 -22.41
CA SER A 192 -3.18 5.28 -21.52
C SER A 192 -2.84 4.57 -20.22
N GLY A 193 -3.51 3.46 -19.90
CA GLY A 193 -3.33 2.79 -18.64
C GLY A 193 -4.35 3.17 -17.58
N LEU A 194 -5.33 3.99 -17.93
CA LEU A 194 -6.36 4.42 -17.00
C LEU A 194 -7.68 3.73 -17.31
N TYR A 195 -8.53 3.63 -16.29
CA TYR A 195 -9.80 2.94 -16.40
C TYR A 195 -10.91 3.91 -16.77
N SER A 196 -11.94 3.39 -17.41
CA SER A 196 -13.08 4.19 -17.83
C SER A 196 -14.33 3.33 -17.80
N LEU A 197 -15.44 3.91 -17.35
CA LEU A 197 -16.74 3.25 -17.44
C LEU A 197 -17.82 4.32 -17.55
N SER A 198 -19.05 3.86 -17.77
CA SER A 198 -20.20 4.73 -17.83
C SER A 198 -21.36 4.09 -17.08
N SER A 199 -22.21 4.94 -16.50
CA SER A 199 -23.45 4.51 -15.86
C SER A 199 -24.60 5.21 -16.56
N VAL A 200 -25.63 4.44 -16.91
CA VAL A 200 -26.75 4.94 -17.69
C VAL A 200 -28.06 4.54 -17.01
N VAL A 201 -29.12 5.26 -17.37
CA VAL A 201 -30.45 5.00 -16.83
C VAL A 201 -31.47 5.47 -17.85
N THR A 202 -32.51 4.66 -18.04
CA THR A 202 -33.60 5.01 -18.94
C THR A 202 -34.79 5.55 -18.15
N PRO A 204 -38.53 8.24 -18.20
CA PRO A 204 -39.52 8.83 -19.12
C PRO A 204 -39.11 10.21 -19.60
N SER A 205 -39.51 10.56 -20.84
CA SER A 205 -39.18 11.86 -21.40
C SER A 205 -39.88 13.00 -20.68
N SER A 206 -40.92 12.71 -19.91
CA SER A 206 -41.63 13.74 -19.16
C SER A 206 -40.90 14.16 -17.89
N SER A 207 -39.91 13.38 -17.44
CA SER A 207 -39.20 13.68 -16.20
C SER A 207 -38.20 14.81 -16.36
N LEU A 208 -37.89 15.24 -17.59
CA LEU A 208 -37.00 16.37 -17.79
C LEU A 208 -37.65 17.63 -17.25
N GLY A 209 -37.00 18.27 -16.27
CA GLY A 209 -37.54 19.42 -15.58
C GLY A 209 -38.33 19.03 -14.35
N THR A 210 -39.17 18.00 -14.45
CA THR A 210 -39.89 17.50 -13.29
C THR A 210 -38.93 16.94 -12.25
N GLN A 211 -37.85 16.29 -12.71
CA GLN A 211 -36.88 15.69 -11.82
C GLN A 211 -35.48 16.02 -12.31
N THR A 212 -34.62 16.44 -11.38
CA THR A 212 -33.21 16.62 -11.67
C THR A 212 -32.47 15.32 -11.41
N TYR A 213 -31.48 15.01 -12.25
CA TYR A 213 -30.75 13.76 -12.18
C TYR A 213 -29.28 14.03 -11.90
N ILE A 214 -28.75 13.34 -10.90
CA ILE A 214 -27.36 13.49 -10.47
C ILE A 214 -26.80 12.11 -10.21
N CYS A 215 -25.58 11.87 -10.69
CA CYS A 215 -24.86 10.63 -10.46
C CYS A 215 -23.79 10.85 -9.40
N ASN A 216 -23.70 9.92 -8.46
CA ASN A 216 -22.80 10.04 -7.32
C ASN A 216 -21.61 9.10 -7.57
N VAL A 217 -20.50 9.67 -8.00
CA VAL A 217 -19.31 8.92 -8.37
C VAL A 217 -18.32 8.99 -7.20
N ASN A 218 -18.03 7.84 -6.60
CA ASN A 218 -17.07 7.73 -5.52
C ASN A 218 -15.84 6.96 -6.01
N HIS A 219 -14.65 7.48 -5.74
CA HIS A 219 -13.40 6.80 -6.05
C HIS A 219 -12.53 6.84 -4.78
N LYS A 220 -12.62 5.78 -3.99
CA LYS A 220 -11.90 5.73 -2.72
C LYS A 220 -10.39 5.77 -2.88
N PRO A 221 -9.78 5.08 -3.86
CA PRO A 221 -8.32 5.11 -3.98
C PRO A 221 -7.72 6.51 -3.98
N SER A 222 -8.42 7.49 -4.53
CA SER A 222 -8.00 8.89 -4.45
C SER A 222 -8.86 9.68 -3.49
N ASN A 223 -9.85 9.04 -2.86
CA ASN A 223 -10.73 9.70 -1.90
C ASN A 223 -11.51 10.82 -2.57
N THR A 224 -12.06 10.52 -3.75
CA THR A 224 -12.79 11.49 -4.56
C THR A 224 -14.28 11.19 -4.54
N LYS A 225 -15.08 12.25 -4.40
CA LYS A 225 -16.53 12.16 -4.44
C LYS A 225 -17.05 13.27 -5.35
N VAL A 226 -17.71 12.89 -6.44
CA VAL A 226 -18.21 13.83 -7.43
C VAL A 226 -19.70 13.59 -7.62
N ASP A 227 -20.50 14.64 -7.42
CA ASP A 227 -21.93 14.62 -7.70
C ASP A 227 -22.17 15.51 -8.91
N LYS A 228 -22.45 14.88 -10.05
CA LYS A 228 -22.54 15.59 -11.32
C LYS A 228 -23.99 15.53 -11.82
N ARG A 229 -24.55 16.71 -12.11
CA ARG A 229 -25.92 16.80 -12.61
C ARG A 229 -25.95 16.68 -14.13
N VAL A 230 -26.90 15.89 -14.63
CA VAL A 230 -27.07 15.67 -16.06
C VAL A 230 -28.36 16.35 -16.48
N GLU A 231 -28.24 17.36 -17.35
CA GLU A 231 -29.41 18.09 -17.84
C GLU A 231 -29.23 18.46 -19.31
N ASP B 1 2.40 -28.46 -23.33
CA ASP B 1 2.44 -29.46 -24.43
C ASP B 1 1.06 -29.96 -24.79
N ILE B 2 0.14 -29.90 -23.82
CA ILE B 2 -1.24 -30.33 -24.02
C ILE B 2 -2.12 -29.09 -24.14
N VAL B 3 -2.92 -29.03 -25.20
CA VAL B 3 -3.84 -27.92 -25.44
C VAL B 3 -5.26 -28.47 -25.33
N MET B 4 -6.10 -27.77 -24.58
CA MET B 4 -7.51 -28.12 -24.41
C MET B 4 -8.38 -27.07 -25.09
N THR B 5 -9.32 -27.53 -25.91
CA THR B 5 -10.25 -26.65 -26.62
C THR B 5 -11.67 -27.08 -26.31
N GLN B 6 -12.42 -26.21 -25.66
CA GLN B 6 -13.82 -26.47 -25.34
C GLN B 6 -14.73 -25.93 -26.44
N SER B 7 -15.92 -26.52 -26.54
CA SER B 7 -16.92 -26.08 -27.48
C SER B 7 -18.29 -26.43 -26.92
N PRO B 8 -19.28 -25.54 -27.00
CA PRO B 8 -19.16 -24.16 -27.52
C PRO B 8 -18.56 -23.21 -26.50
N SER B 9 -18.06 -22.05 -26.95
CA SER B 9 -17.61 -21.03 -26.02
C SER B 9 -18.77 -20.42 -25.25
N SER B 10 -19.97 -20.48 -25.81
CA SER B 10 -21.16 -19.99 -25.13
C SER B 10 -22.34 -20.84 -25.56
N VAL B 11 -23.31 -20.97 -24.65
CA VAL B 11 -24.53 -21.73 -24.93
C VAL B 11 -25.62 -21.18 -24.03
N SER B 12 -26.81 -21.01 -24.61
CA SER B 12 -27.98 -20.53 -23.90
C SER B 12 -28.97 -21.67 -23.69
N ALA B 13 -29.67 -21.63 -22.57
CA ALA B 13 -30.66 -22.66 -22.27
C ALA B 13 -31.59 -22.16 -21.18
N SER B 14 -32.76 -22.78 -21.13
CA SER B 14 -33.74 -22.52 -20.08
C SER B 14 -33.59 -23.57 -18.97
N VAL B 15 -34.20 -23.28 -17.83
CA VAL B 15 -34.18 -24.24 -16.73
C VAL B 15 -34.81 -25.55 -17.19
N GLY B 16 -34.31 -26.65 -16.64
CA GLY B 16 -34.78 -27.98 -16.99
C GLY B 16 -34.29 -28.52 -18.31
N ASP B 17 -33.27 -27.91 -18.90
CA ASP B 17 -32.72 -28.35 -20.18
C ASP B 17 -31.44 -29.15 -19.96
N ARG B 18 -31.13 -29.99 -20.95
CA ARG B 18 -29.89 -30.75 -20.96
C ARG B 18 -28.82 -29.96 -21.68
N VAL B 19 -27.74 -29.63 -20.96
CA VAL B 19 -26.61 -28.91 -21.53
C VAL B 19 -25.46 -29.89 -21.69
N THR B 20 -24.76 -29.79 -22.83
CA THR B 20 -23.66 -30.71 -23.15
C THR B 20 -22.47 -29.88 -23.63
N ILE B 21 -21.46 -29.76 -22.77
CA ILE B 21 -20.20 -29.13 -23.12
C ILE B 21 -19.20 -30.23 -23.46
N THR B 22 -18.44 -30.02 -24.53
CA THR B 22 -17.42 -30.97 -24.94
C THR B 22 -16.03 -30.34 -24.79
N CYS B 23 -15.07 -31.15 -24.39
CA CYS B 23 -13.69 -30.72 -24.19
C CYS B 23 -12.78 -31.67 -24.96
N ARG B 24 -11.89 -31.11 -25.78
CA ARG B 24 -11.04 -31.89 -26.65
C ARG B 24 -9.58 -31.63 -26.32
N ALA B 25 -8.78 -32.70 -26.33
CA ALA B 25 -7.36 -32.62 -26.00
C ALA B 25 -6.52 -32.81 -27.26
N SER B 26 -5.43 -32.03 -27.35
CA SER B 26 -4.52 -32.13 -28.48
C SER B 26 -3.82 -33.49 -28.54
N GLN B 27 -3.92 -34.30 -27.50
CA GLN B 27 -3.35 -35.63 -27.52
C GLN B 27 -4.18 -36.51 -26.59
N ASN B 28 -3.85 -37.81 -26.58
CA ASN B 28 -4.54 -38.76 -25.73
C ASN B 28 -4.10 -38.56 -24.28
N ILE B 29 -5.07 -38.43 -23.37
CA ILE B 29 -4.77 -38.15 -21.97
C ILE B 29 -5.50 -39.13 -21.06
N ARG B 30 -5.97 -40.25 -21.61
CA ARG B 30 -6.66 -41.29 -20.84
C ARG B 30 -7.84 -40.63 -20.14
N ASP B 31 -7.98 -40.75 -18.81
CA ASP B 31 -9.07 -40.12 -18.08
C ASP B 31 -8.57 -39.06 -17.11
N TYR B 32 -7.38 -38.51 -17.35
CA TYR B 32 -6.80 -37.47 -16.50
C TYR B 32 -7.40 -36.12 -16.90
N LEU B 33 -8.62 -35.88 -16.45
CA LEU B 33 -9.31 -34.64 -16.79
C LEU B 33 -10.21 -34.20 -15.64
N ASN B 34 -10.23 -32.89 -15.38
CA ASN B 34 -11.09 -32.30 -14.38
C ASN B 34 -12.07 -31.33 -15.02
N TRP B 35 -13.19 -31.11 -14.32
CA TRP B 35 -14.16 -30.08 -14.68
C TRP B 35 -14.33 -29.12 -13.51
N TYR B 36 -14.46 -27.83 -13.81
CA TYR B 36 -14.60 -26.80 -12.80
C TYR B 36 -15.77 -25.88 -13.13
N GLN B 37 -16.50 -25.47 -12.09
CA GLN B 37 -17.58 -24.49 -12.21
C GLN B 37 -17.11 -23.17 -11.63
N HIS B 38 -17.33 -22.08 -12.38
CA HIS B 38 -16.92 -20.75 -11.94
C HIS B 38 -18.04 -19.77 -12.24
N LYS B 39 -18.69 -19.29 -11.18
CA LYS B 39 -19.72 -18.26 -11.28
C LYS B 39 -19.08 -16.89 -11.11
N PRO B 40 -19.58 -15.86 -11.79
CA PRO B 40 -18.90 -14.55 -11.75
C PRO B 40 -18.85 -14.00 -10.34
N GLY B 41 -17.70 -13.43 -9.97
CA GLY B 41 -17.53 -12.92 -8.63
C GLY B 41 -17.45 -14.00 -7.58
N GLY B 42 -17.00 -15.20 -7.94
CA GLY B 42 -16.99 -16.31 -7.01
C GLY B 42 -15.77 -17.20 -7.23
N SER B 43 -15.53 -18.05 -6.26
CA SER B 43 -14.39 -18.95 -6.33
C SER B 43 -14.73 -20.16 -7.21
N PRO B 44 -13.79 -20.64 -8.02
CA PRO B 44 -14.04 -21.84 -8.82
C PRO B 44 -14.34 -23.04 -7.93
N ARG B 45 -15.12 -23.97 -8.46
CA ARG B 45 -15.64 -25.10 -7.71
C ARG B 45 -15.39 -26.37 -8.51
N LEU B 46 -14.77 -27.36 -7.87
CA LEU B 46 -14.48 -28.62 -8.55
C LEU B 46 -15.75 -29.44 -8.69
N LEU B 47 -15.99 -29.95 -9.90
CA LEU B 47 -17.13 -30.79 -10.19
C LEU B 47 -16.76 -32.25 -10.35
N ILE B 48 -15.78 -32.54 -11.20
CA ILE B 48 -15.44 -33.88 -11.62
C ILE B 48 -13.93 -33.98 -11.77
N TYR B 49 -13.37 -35.09 -11.28
CA TYR B 49 -12.00 -35.47 -11.60
C TYR B 49 -12.03 -36.88 -12.15
N ALA B 50 -10.90 -37.31 -12.71
CA ALA B 50 -10.81 -38.60 -13.39
C ALA B 50 -11.78 -38.69 -14.57
N ALA B 51 -12.18 -37.53 -15.11
CA ALA B 51 -13.02 -37.45 -16.30
C ALA B 51 -14.49 -37.71 -16.00
N SER B 52 -14.78 -38.64 -15.08
CA SER B 52 -16.16 -39.05 -14.83
C SER B 52 -16.52 -39.20 -13.36
N THR B 53 -15.59 -39.00 -12.44
CA THR B 53 -15.85 -39.18 -11.02
C THR B 53 -16.37 -37.88 -10.42
N LEU B 54 -17.57 -37.92 -9.85
CA LEU B 54 -18.17 -36.74 -9.26
C LEU B 54 -17.52 -36.43 -7.91
N GLN B 55 -17.21 -35.15 -7.70
CA GLN B 55 -16.69 -34.70 -6.42
C GLN B 55 -17.78 -34.78 -5.36
N THR B 56 -17.37 -35.05 -4.12
CA THR B 56 -18.32 -35.09 -3.03
C THR B 56 -18.98 -33.73 -2.86
N GLY B 57 -20.31 -33.72 -2.71
CA GLY B 57 -21.06 -32.49 -2.55
C GLY B 57 -21.63 -31.92 -3.82
N VAL B 58 -21.24 -32.43 -4.99
CA VAL B 58 -21.75 -31.93 -6.26
C VAL B 58 -23.07 -32.62 -6.55
N PRO B 59 -24.06 -31.94 -7.12
CA PRO B 59 -25.30 -32.63 -7.48
C PRO B 59 -25.06 -33.64 -8.58
N SER B 60 -25.87 -34.70 -8.58
CA SER B 60 -25.76 -35.72 -9.60
C SER B 60 -26.27 -35.25 -10.96
N ARG B 61 -26.77 -34.01 -11.06
CA ARG B 61 -27.13 -33.46 -12.36
C ARG B 61 -25.92 -33.32 -13.26
N PHE B 62 -24.72 -33.25 -12.69
CA PHE B 62 -23.49 -33.16 -13.46
C PHE B 62 -22.91 -34.55 -13.67
N SER B 63 -22.60 -34.88 -14.93
CA SER B 63 -21.97 -36.14 -15.26
C SER B 63 -20.85 -35.88 -16.27
N GLY B 64 -19.70 -36.50 -16.03
CA GLY B 64 -18.56 -36.42 -16.92
C GLY B 64 -18.37 -37.74 -17.63
N SER B 65 -18.06 -37.68 -18.92
CA SER B 65 -17.85 -38.87 -19.73
C SER B 65 -16.69 -38.62 -20.68
N GLY B 66 -16.39 -39.64 -21.49
CA GLY B 66 -15.31 -39.55 -22.47
C GLY B 66 -14.01 -40.13 -21.93
N SER B 67 -13.08 -40.32 -22.86
CA SER B 67 -11.77 -40.84 -22.53
C SER B 67 -10.88 -40.70 -23.74
N GLY B 68 -9.60 -40.46 -23.49
CA GLY B 68 -8.63 -40.28 -24.56
C GLY B 68 -8.42 -38.81 -24.87
N ASN B 69 -9.14 -38.29 -25.87
CA ASN B 69 -8.98 -36.89 -26.26
C ASN B 69 -10.30 -36.16 -26.49
N LEU B 70 -11.44 -36.78 -26.18
CA LEU B 70 -12.74 -36.15 -26.32
C LEU B 70 -13.55 -36.44 -25.07
N PHE B 71 -13.92 -35.37 -24.35
CA PHE B 71 -14.63 -35.49 -23.08
C PHE B 71 -15.86 -34.59 -23.11
N THR B 72 -16.87 -34.98 -22.33
CA THR B 72 -18.14 -34.25 -22.30
C THR B 72 -18.62 -34.06 -20.88
N LEU B 73 -19.09 -32.86 -20.58
CA LEU B 73 -19.79 -32.54 -19.34
C LEU B 73 -21.26 -32.31 -19.68
N THR B 74 -22.14 -33.03 -18.98
CA THR B 74 -23.57 -32.96 -19.23
C THR B 74 -24.27 -32.49 -17.96
N ILE B 75 -25.17 -31.53 -18.10
CA ILE B 75 -25.95 -31.01 -16.99
C ILE B 75 -27.41 -31.25 -17.31
N THR B 76 -27.99 -32.28 -16.70
CA THR B 76 -29.39 -32.60 -16.90
C THR B 76 -30.25 -31.74 -15.98
N ASN B 77 -31.46 -31.44 -16.43
CA ASN B 77 -32.39 -30.60 -15.68
C ASN B 77 -31.65 -29.36 -15.14
N LEU B 78 -31.27 -28.51 -16.09
CA LEU B 78 -30.50 -27.32 -15.74
C LEU B 78 -31.25 -26.49 -14.70
N GLN B 79 -30.50 -25.91 -13.77
CA GLN B 79 -31.08 -25.18 -12.66
C GLN B 79 -30.55 -23.75 -12.63
N PRO B 80 -31.23 -22.84 -11.93
CA PRO B 80 -30.77 -21.43 -11.91
C PRO B 80 -29.33 -21.27 -11.45
N GLU B 81 -28.94 -21.92 -10.36
CA GLU B 81 -27.59 -21.79 -9.86
C GLU B 81 -26.56 -22.34 -10.84
N ASP B 82 -26.96 -23.20 -11.77
CA ASP B 82 -26.04 -23.81 -12.72
C ASP B 82 -25.62 -22.88 -13.84
N PHE B 83 -26.18 -21.67 -13.92
CA PHE B 83 -25.78 -20.71 -14.94
C PHE B 83 -24.45 -20.10 -14.53
N ALA B 84 -23.38 -20.51 -15.20
CA ALA B 84 -22.03 -20.09 -14.85
C ALA B 84 -21.11 -20.49 -16.00
N THR B 85 -19.80 -20.28 -15.79
CA THR B 85 -18.78 -20.66 -16.75
C THR B 85 -18.08 -21.94 -16.26
N TYR B 86 -17.94 -22.90 -17.16
CA TYR B 86 -17.33 -24.19 -16.84
C TYR B 86 -16.04 -24.37 -17.63
N TYR B 87 -15.04 -24.97 -16.97
CA TYR B 87 -13.75 -25.24 -17.59
C TYR B 87 -13.41 -26.71 -17.48
N CYS B 88 -12.67 -27.21 -18.46
CA CYS B 88 -12.03 -28.51 -18.36
C CYS B 88 -10.54 -28.32 -18.16
N GLN B 89 -9.91 -29.32 -17.55
CA GLN B 89 -8.48 -29.26 -17.25
C GLN B 89 -7.89 -30.65 -17.38
N GLU B 90 -6.71 -30.73 -17.98
CA GLU B 90 -5.96 -31.96 -18.08
C GLU B 90 -4.95 -32.05 -16.95
N ASN B 91 -4.69 -33.27 -16.50
CA ASN B 91 -3.68 -33.53 -15.47
C ASN B 91 -2.95 -34.82 -15.82
N TYR B 92 -2.39 -34.85 -17.03
CA TYR B 92 -1.77 -36.03 -17.63
C TYR B 92 -0.25 -36.02 -17.55
N ASN B 93 0.38 -34.89 -17.80
CA ASN B 93 1.85 -34.85 -17.83
C ASN B 93 2.40 -35.01 -16.44
N THR B 94 3.37 -35.91 -16.27
CA THR B 94 4.04 -36.05 -14.99
C THR B 94 4.76 -34.76 -14.61
N ILE B 95 5.29 -34.04 -15.59
CA ILE B 95 5.74 -32.66 -15.40
C ILE B 95 4.52 -31.77 -15.60
N PRO B 96 3.94 -31.21 -14.54
CA PRO B 96 2.59 -30.65 -14.65
C PRO B 96 2.53 -29.46 -15.61
N SER B 97 1.58 -29.55 -16.54
CA SER B 97 1.11 -28.39 -17.30
C SER B 97 -0.25 -27.92 -16.84
N LEU B 98 -1.13 -28.85 -16.48
CA LEU B 98 -2.43 -28.55 -15.90
C LEU B 98 -3.11 -27.42 -16.68
N SER B 99 -3.37 -27.70 -17.95
CA SER B 99 -3.88 -26.70 -18.88
C SER B 99 -5.40 -26.72 -18.89
N PHE B 100 -5.99 -25.54 -18.78
CA PHE B 100 -7.44 -25.38 -18.83
C PHE B 100 -7.91 -25.16 -20.26
N GLY B 101 -9.20 -25.38 -20.47
CA GLY B 101 -9.84 -24.90 -21.68
C GLY B 101 -10.25 -23.45 -21.56
N GLN B 102 -10.55 -22.83 -22.70
CA GLN B 102 -10.86 -21.41 -22.70
C GLN B 102 -12.11 -21.09 -21.88
N GLY B 103 -12.95 -22.07 -21.60
CA GLY B 103 -14.13 -21.87 -20.80
C GLY B 103 -15.41 -21.89 -21.63
N THR B 104 -16.52 -22.12 -20.94
CA THR B 104 -17.84 -22.18 -21.58
C THR B 104 -18.85 -21.57 -20.62
N LYS B 105 -19.44 -20.44 -21.00
CA LYS B 105 -20.43 -19.76 -20.17
C LYS B 105 -21.83 -20.18 -20.61
N VAL B 106 -22.67 -20.54 -19.64
CA VAL B 106 -24.04 -20.94 -19.89
C VAL B 106 -24.94 -19.76 -19.52
N ASP B 107 -25.72 -19.30 -20.49
CA ASP B 107 -26.62 -18.16 -20.31
C ASP B 107 -28.06 -18.63 -20.28
N ILE B 108 -28.93 -17.74 -19.81
CA ILE B 108 -30.36 -18.01 -19.76
C ILE B 108 -30.94 -17.70 -21.14
N ARG B 109 -31.74 -18.62 -21.66
CA ARG B 109 -32.37 -18.43 -22.95
C ARG B 109 -33.68 -17.66 -22.79
N ARG B 110 -33.90 -16.68 -23.67
CA ARG B 110 -35.13 -15.92 -23.70
C ARG B 110 -35.42 -15.50 -25.14
N THR B 111 -36.63 -15.00 -25.36
CA THR B 111 -37.00 -14.55 -26.69
C THR B 111 -36.09 -13.43 -27.15
N VAL B 112 -35.91 -13.34 -28.47
CA VAL B 112 -35.09 -12.27 -29.03
C VAL B 112 -35.67 -10.93 -28.62
N ALA B 113 -34.78 -10.02 -28.21
CA ALA B 113 -35.16 -8.68 -27.80
C ALA B 113 -34.21 -7.69 -28.47
N ALA B 114 -34.77 -6.76 -29.24
CA ALA B 114 -33.92 -5.84 -29.98
C ALA B 114 -33.36 -4.76 -29.06
N PRO B 115 -32.15 -4.27 -29.33
CA PRO B 115 -31.59 -3.20 -28.51
C PRO B 115 -32.24 -1.86 -28.82
N SER B 116 -32.36 -1.05 -27.77
CA SER B 116 -32.68 0.36 -27.92
C SER B 116 -31.38 1.15 -27.99
N VAL B 117 -31.15 1.82 -29.11
CA VAL B 117 -29.88 2.47 -29.39
C VAL B 117 -29.97 3.95 -29.04
N PHE B 118 -28.94 4.45 -28.37
CA PHE B 118 -28.82 5.88 -28.10
C PHE B 118 -27.37 6.29 -28.36
N ILE B 119 -27.19 7.51 -28.87
CA ILE B 119 -25.86 8.07 -29.09
C ILE B 119 -25.73 9.32 -28.24
N PHE B 120 -24.53 9.56 -27.72
CA PHE B 120 -24.28 10.69 -26.84
C PHE B 120 -23.08 11.48 -27.36
N PRO B 121 -23.21 12.80 -27.55
CA PRO B 121 -22.07 13.59 -27.99
C PRO B 121 -21.16 13.92 -26.81
N PRO B 122 -19.91 14.32 -27.07
CA PRO B 122 -19.03 14.71 -25.98
C PRO B 122 -19.56 15.92 -25.24
N SER B 123 -19.47 15.87 -23.91
CA SER B 123 -19.84 17.01 -23.08
C SER B 123 -18.90 18.18 -23.35
N ASP B 124 -19.44 19.39 -23.22
CA ASP B 124 -18.61 20.58 -23.38
C ASP B 124 -17.48 20.63 -22.35
N GLU B 125 -17.71 20.07 -21.17
CA GLU B 125 -16.65 20.04 -20.14
C GLU B 125 -15.48 19.20 -20.61
N GLN B 126 -15.75 18.06 -21.24
CA GLN B 126 -14.69 17.17 -21.69
C GLN B 126 -13.89 17.78 -22.84
N LEU B 127 -14.57 18.51 -23.74
CA LEU B 127 -13.86 19.13 -24.84
C LEU B 127 -12.78 20.08 -24.35
N LYS B 128 -13.05 20.79 -23.25
CA LYS B 128 -12.05 21.66 -22.65
C LYS B 128 -10.79 20.88 -22.29
N SER B 129 -10.93 19.61 -21.92
CA SER B 129 -9.80 18.78 -21.55
C SER B 129 -8.96 18.35 -22.75
N GLY B 130 -9.31 18.78 -23.96
CA GLY B 130 -8.58 18.38 -25.15
C GLY B 130 -8.87 16.98 -25.62
N THR B 131 -9.92 16.34 -25.10
CA THR B 131 -10.30 14.99 -25.48
C THR B 131 -11.80 14.93 -25.72
N ALA B 132 -12.22 14.01 -26.58
CA ALA B 132 -13.63 13.87 -26.93
C ALA B 132 -13.97 12.39 -27.02
N SER B 133 -15.07 12.01 -26.37
CA SER B 133 -15.53 10.63 -26.35
C SER B 133 -16.99 10.59 -26.75
N VAL B 134 -17.31 9.77 -27.75
CA VAL B 134 -18.67 9.61 -28.25
C VAL B 134 -19.16 8.23 -27.83
N VAL B 135 -20.38 8.16 -27.31
CA VAL B 135 -20.90 6.95 -26.70
C VAL B 135 -22.13 6.48 -27.49
N CYS B 136 -22.19 5.18 -27.74
CA CYS B 136 -23.34 4.53 -28.37
C CYS B 136 -23.86 3.47 -27.41
N LEU B 137 -25.11 3.61 -27.00
CA LEU B 137 -25.69 2.76 -25.96
C LEU B 137 -26.67 1.77 -26.57
N LEU B 138 -26.47 0.49 -26.28
CA LEU B 138 -27.37 -0.58 -26.69
C LEU B 138 -27.99 -1.16 -25.42
N ASN B 139 -29.30 -1.00 -25.26
CA ASN B 139 -29.98 -1.30 -24.00
C ASN B 139 -30.97 -2.44 -24.20
N ASN B 140 -30.95 -3.41 -23.28
CA ASN B 140 -31.94 -4.48 -23.21
C ASN B 140 -32.05 -5.23 -24.53
N PHE B 141 -31.02 -6.02 -24.83
CA PHE B 141 -31.03 -6.86 -26.03
C PHE B 141 -30.64 -8.28 -25.68
N TYR B 142 -31.05 -9.20 -26.54
CA TYR B 142 -30.72 -10.61 -26.43
C TYR B 142 -30.90 -11.24 -27.80
N PRO B 143 -29.99 -12.11 -28.25
CA PRO B 143 -28.77 -12.57 -27.56
C PRO B 143 -27.66 -11.53 -27.53
N ARG B 144 -26.51 -11.92 -27.00
CA ARG B 144 -25.42 -10.99 -26.77
C ARG B 144 -24.75 -10.55 -28.07
N GLU B 145 -24.82 -11.38 -29.11
CA GLU B 145 -24.19 -11.04 -30.38
C GLU B 145 -24.76 -9.73 -30.91
N ALA B 146 -23.87 -8.81 -31.29
CA ALA B 146 -24.26 -7.51 -31.82
C ALA B 146 -23.05 -6.86 -32.44
N LYS B 147 -23.29 -6.06 -33.48
CA LYS B 147 -22.24 -5.34 -34.19
C LYS B 147 -22.45 -3.85 -34.04
N VAL B 148 -21.36 -3.10 -33.87
CA VAL B 148 -21.39 -1.66 -33.70
C VAL B 148 -20.25 -1.05 -34.52
N GLN B 149 -20.60 -0.20 -35.49
CA GLN B 149 -19.62 0.43 -36.36
C GLN B 149 -19.70 1.95 -36.21
N TRP B 150 -18.57 2.57 -35.95
CA TRP B 150 -18.47 4.02 -35.87
C TRP B 150 -18.12 4.61 -37.24
N LYS B 151 -18.82 5.69 -37.60
CA LYS B 151 -18.58 6.39 -38.86
C LYS B 151 -18.52 7.88 -38.58
N VAL B 152 -17.40 8.50 -38.91
CA VAL B 152 -17.20 9.94 -38.77
C VAL B 152 -17.11 10.52 -40.18
N ASP B 153 -18.18 11.20 -40.61
CA ASP B 153 -18.27 11.71 -41.97
C ASP B 153 -18.26 10.57 -42.98
N ASN B 154 -18.95 9.47 -42.64
CA ASN B 154 -19.06 8.27 -43.45
C ASN B 154 -17.74 7.51 -43.57
N ALA B 155 -16.72 7.91 -42.82
CA ALA B 155 -15.45 7.19 -42.79
C ALA B 155 -15.51 6.14 -41.68
N LEU B 156 -15.39 4.87 -42.06
CA LEU B 156 -15.52 3.78 -41.10
C LEU B 156 -14.31 3.76 -40.18
N GLN B 157 -14.55 4.03 -38.89
CA GLN B 157 -13.48 4.04 -37.89
C GLN B 157 -13.06 2.62 -37.54
N SER B 158 -11.78 2.47 -37.20
CA SER B 158 -11.23 1.17 -36.86
C SER B 158 -10.12 1.37 -35.84
N GLY B 159 -10.28 0.76 -34.66
CA GLY B 159 -9.26 0.78 -33.63
C GLY B 159 -9.30 1.95 -32.68
N ASN B 160 -10.39 2.71 -32.63
CA ASN B 160 -10.49 3.85 -31.73
C ASN B 160 -11.75 3.80 -30.89
N SER B 161 -12.32 2.61 -30.68
CA SER B 161 -13.52 2.44 -29.89
C SER B 161 -13.33 1.28 -28.91
N GLN B 162 -13.98 1.37 -27.76
CA GLN B 162 -13.95 0.34 -26.74
C GLN B 162 -15.36 -0.02 -26.33
N GLU B 163 -15.68 -1.31 -26.37
CA GLU B 163 -16.99 -1.80 -26.02
C GLU B 163 -16.97 -2.36 -24.60
N SER B 164 -18.12 -2.26 -23.93
CA SER B 164 -18.31 -2.79 -22.60
C SER B 164 -19.73 -3.30 -22.48
N VAL B 165 -19.90 -4.44 -21.80
CA VAL B 165 -21.19 -5.11 -21.74
C VAL B 165 -21.45 -5.58 -20.31
N THR B 166 -22.70 -5.42 -19.87
CA THR B 166 -23.11 -5.87 -18.55
C THR B 166 -23.45 -7.35 -18.57
N GLU B 167 -23.48 -7.95 -17.39
CA GLU B 167 -23.91 -9.33 -17.28
C GLU B 167 -25.43 -9.43 -17.47
N GLN B 168 -25.87 -10.61 -17.91
CA GLN B 168 -27.27 -10.85 -18.20
C GLN B 168 -28.15 -10.36 -17.05
N ASP B 169 -29.07 -9.45 -17.36
CA ASP B 169 -29.92 -8.85 -16.34
C ASP B 169 -30.61 -9.93 -15.52
N SER B 170 -30.85 -9.62 -14.24
CA SER B 170 -31.47 -10.55 -13.32
C SER B 170 -33.00 -10.53 -13.38
N LYS B 171 -33.59 -9.50 -14.01
CA LYS B 171 -35.04 -9.38 -14.09
C LYS B 171 -35.58 -9.75 -15.46
N ASP B 172 -34.94 -9.28 -16.53
CA ASP B 172 -35.37 -9.58 -17.88
C ASP B 172 -34.36 -10.43 -18.66
N SER B 173 -33.22 -10.74 -18.07
CA SER B 173 -32.23 -11.61 -18.71
C SER B 173 -31.73 -11.03 -20.03
N THR B 174 -31.58 -9.71 -20.08
CA THR B 174 -31.07 -9.02 -21.26
C THR B 174 -29.69 -8.46 -20.96
N TYR B 175 -29.04 -7.96 -22.01
CA TYR B 175 -27.73 -7.34 -21.91
C TYR B 175 -27.81 -5.87 -22.28
N SER B 176 -26.82 -5.12 -21.83
CA SER B 176 -26.63 -3.73 -22.21
C SER B 176 -25.18 -3.55 -22.65
N LEU B 177 -24.98 -2.75 -23.69
CA LEU B 177 -23.65 -2.56 -24.25
C LEU B 177 -23.40 -1.08 -24.49
N SER B 178 -22.16 -0.65 -24.25
CA SER B 178 -21.72 0.71 -24.51
C SER B 178 -20.46 0.66 -25.37
N SER B 179 -20.45 1.44 -26.44
CA SER B 179 -19.28 1.58 -27.30
C SER B 179 -18.81 3.02 -27.22
N THR B 180 -17.54 3.21 -26.87
CA THR B 180 -16.98 4.53 -26.61
C THR B 180 -15.91 4.83 -27.67
N LEU B 181 -16.24 5.72 -28.60
CA LEU B 181 -15.28 6.22 -29.57
C LEU B 181 -14.51 7.38 -28.95
N THR B 182 -13.18 7.32 -29.02
CA THR B 182 -12.32 8.34 -28.42
C THR B 182 -11.48 9.00 -29.50
N LEU B 183 -11.58 10.33 -29.58
CA LEU B 183 -10.76 11.12 -30.48
C LEU B 183 -10.26 12.35 -29.75
N SER B 184 -9.20 12.94 -30.30
CA SER B 184 -8.72 14.22 -29.80
C SER B 184 -9.72 15.32 -30.17
N LYS B 185 -9.51 16.51 -29.59
CA LYS B 185 -10.39 17.63 -29.91
C LYS B 185 -10.28 18.02 -31.37
N ALA B 186 -9.05 18.09 -31.91
CA ALA B 186 -8.86 18.51 -33.29
C ALA B 186 -9.57 17.58 -34.25
N ASP B 187 -9.34 16.27 -34.12
CA ASP B 187 -10.01 15.32 -35.00
C ASP B 187 -11.53 15.39 -34.84
N TYR B 188 -12.00 15.80 -33.67
CA TYR B 188 -13.44 15.89 -33.44
C TYR B 188 -14.01 17.19 -34.00
N GLU B 189 -13.36 18.32 -33.72
CA GLU B 189 -13.80 19.60 -34.25
C GLU B 189 -13.59 19.71 -35.75
N LYS B 190 -12.80 18.81 -36.34
CA LYS B 190 -12.55 18.84 -37.78
C LYS B 190 -13.67 18.17 -38.58
N HIS B 191 -14.53 17.39 -37.94
CA HIS B 191 -15.58 16.66 -38.62
C HIS B 191 -16.92 17.00 -37.99
N LYS B 192 -18.00 16.69 -38.71
CA LYS B 192 -19.33 17.18 -38.36
C LYS B 192 -20.32 16.09 -37.97
N VAL B 193 -20.37 14.99 -38.71
CA VAL B 193 -21.38 13.97 -38.52
C VAL B 193 -20.75 12.76 -37.86
N TYR B 194 -21.37 12.30 -36.77
CA TYR B 194 -20.89 11.14 -36.03
C TYR B 194 -22.06 10.18 -35.86
N ALA B 195 -21.83 8.92 -36.20
CA ALA B 195 -22.90 7.93 -36.23
C ALA B 195 -22.35 6.59 -35.77
N CYS B 196 -23.20 5.81 -35.10
CA CYS B 196 -22.93 4.42 -34.81
C CYS B 196 -24.03 3.57 -35.42
N GLU B 197 -23.63 2.56 -36.19
CA GLU B 197 -24.56 1.68 -36.88
C GLU B 197 -24.63 0.35 -36.13
N VAL B 198 -25.82 0.04 -35.61
CA VAL B 198 -26.03 -1.14 -34.78
C VAL B 198 -26.70 -2.21 -35.63
N THR B 199 -26.18 -3.43 -35.54
CA THR B 199 -26.76 -4.59 -36.20
C THR B 199 -27.02 -5.66 -35.14
N HIS B 200 -28.26 -6.11 -35.04
CA HIS B 200 -28.63 -7.12 -34.06
C HIS B 200 -29.70 -8.03 -34.65
N GLN B 201 -29.67 -9.29 -34.21
CA GLN B 201 -30.60 -10.30 -34.70
C GLN B 201 -32.04 -9.78 -34.68
N GLY B 202 -32.47 -9.23 -33.54
CA GLY B 202 -33.84 -8.76 -33.39
C GLY B 202 -34.21 -7.59 -34.28
N LEU B 203 -33.25 -6.96 -34.95
CA LEU B 203 -33.54 -5.84 -35.82
C LEU B 203 -33.75 -6.30 -37.26
N SER B 204 -34.80 -5.76 -37.89
CA SER B 204 -35.06 -6.05 -39.29
C SER B 204 -33.90 -5.59 -40.17
N SER B 205 -33.38 -4.40 -39.90
CA SER B 205 -32.22 -3.87 -40.60
C SER B 205 -31.38 -3.08 -39.62
N PRO B 206 -30.09 -2.91 -39.90
CA PRO B 206 -29.24 -2.16 -38.98
C PRO B 206 -29.80 -0.76 -38.72
N VAL B 207 -29.76 -0.37 -37.45
CA VAL B 207 -30.28 0.93 -37.01
C VAL B 207 -29.11 1.88 -36.85
N THR B 208 -29.33 3.13 -37.25
CA THR B 208 -28.29 4.16 -37.19
C THR B 208 -28.75 5.31 -36.31
N LYS B 209 -27.86 5.74 -35.41
CA LYS B 209 -28.08 6.89 -34.55
C LYS B 209 -26.93 7.85 -34.77
N SER B 210 -27.23 9.05 -35.26
CA SER B 210 -26.21 10.03 -35.61
C SER B 210 -26.60 11.39 -35.07
N PHE B 211 -25.61 12.29 -35.06
CA PHE B 211 -25.86 13.67 -34.66
C PHE B 211 -24.94 14.58 -35.46
N ASN B 212 -25.28 15.87 -35.47
CA ASN B 212 -24.46 16.90 -36.08
C ASN B 212 -23.75 17.69 -34.99
N ARG B 213 -22.43 17.78 -35.07
CA ARG B 213 -21.66 18.53 -34.10
C ARG B 213 -22.21 19.95 -33.98
N GLY B 214 -22.92 20.23 -32.91
CA GLY B 214 -23.57 21.52 -32.73
C GLY B 214 -24.97 21.55 -33.31
N GLN C 1 16.95 30.30 -5.10
CA GLN C 1 17.13 29.79 -3.70
C GLN C 1 15.78 29.51 -3.06
N VAL C 2 15.65 28.32 -2.47
CA VAL C 2 14.41 27.91 -1.83
C VAL C 2 14.36 28.43 -0.40
N GLN C 3 13.23 28.99 -0.01
CA GLN C 3 12.98 29.43 1.37
C GLN C 3 11.58 28.99 1.75
N LEU C 4 11.48 28.17 2.79
CA LEU C 4 10.20 27.70 3.30
C LEU C 4 9.99 28.21 4.72
N VAL C 5 8.80 28.73 4.99
CA VAL C 5 8.38 29.11 6.34
C VAL C 5 7.04 28.41 6.61
N GLN C 6 6.96 27.71 7.74
CA GLN C 6 5.79 26.93 8.10
C GLN C 6 5.02 27.61 9.23
N SER C 7 3.72 27.36 9.28
CA SER C 7 2.89 27.84 10.37
C SER C 7 1.74 26.86 10.58
N GLY C 8 0.85 27.22 11.50
CA GLY C 8 -0.21 26.32 11.90
C GLY C 8 0.26 25.35 12.98
N GLY C 9 -0.59 24.36 13.22
CA GLY C 9 -0.29 23.36 14.23
C GLY C 9 -0.69 23.81 15.63
N GLY C 10 0.00 23.25 16.61
CA GLY C 10 -0.29 23.52 18.01
C GLY C 10 -1.02 22.37 18.67
N LEU C 11 -1.80 22.66 19.71
CA LEU C 11 -2.53 21.65 20.46
C LEU C 11 -3.95 21.55 19.91
N VAL C 12 -4.46 20.34 19.81
CA VAL C 12 -5.81 20.10 19.29
C VAL C 12 -6.34 18.81 19.86
N LYS C 13 -7.64 18.78 20.13
CA LYS C 13 -8.28 17.58 20.65
C LYS C 13 -8.42 16.52 19.55
N PRO C 14 -8.44 15.24 19.92
CA PRO C 14 -8.73 14.20 18.93
C PRO C 14 -10.08 14.42 18.28
N GLY C 15 -10.22 13.93 17.05
CA GLY C 15 -11.42 14.11 16.29
C GLY C 15 -11.58 15.46 15.65
N GLY C 16 -10.68 16.41 15.95
CA GLY C 16 -10.75 17.73 15.38
C GLY C 16 -9.88 17.88 14.15
N SER C 17 -9.99 19.05 13.53
CA SER C 17 -9.30 19.34 12.29
C SER C 17 -8.21 20.36 12.52
N LEU C 18 -7.32 20.48 11.53
CA LEU C 18 -6.15 21.32 11.67
C LEU C 18 -5.44 21.46 10.32
N THR C 19 -5.08 22.68 9.95
CA THR C 19 -4.44 22.95 8.67
C THR C 19 -3.04 23.50 8.92
N LEU C 20 -2.04 22.87 8.30
CA LEU C 20 -0.69 23.39 8.28
C LEU C 20 -0.46 24.10 6.95
N SER C 21 0.46 25.06 6.95
CA SER C 21 0.75 25.82 5.75
C SER C 21 2.26 25.97 5.60
N CYS C 22 2.70 25.96 4.34
CA CYS C 22 4.10 26.09 3.97
C CYS C 22 4.17 27.14 2.88
N SER C 23 4.86 28.25 3.15
CA SER C 23 4.95 29.36 2.23
C SER C 23 6.31 29.33 1.54
N ALA C 24 6.29 29.32 0.20
CA ALA C 24 7.49 29.25 -0.61
C ALA C 24 7.87 30.64 -1.11
N SER C 25 9.16 30.85 -1.30
CA SER C 25 9.66 32.10 -1.86
C SER C 25 11.10 31.89 -2.30
N GLY C 26 11.46 32.51 -3.43
CA GLY C 26 12.80 32.41 -3.96
C GLY C 26 12.95 31.49 -5.15
N PHE C 27 11.90 30.78 -5.54
CA PHE C 27 11.95 29.90 -6.69
C PHE C 27 10.54 29.83 -7.28
N PHE C 28 10.40 29.06 -8.36
CA PHE C 28 9.11 28.95 -9.05
C PHE C 28 8.31 27.85 -8.39
N PHE C 29 7.47 28.24 -7.42
CA PHE C 29 6.66 27.29 -6.68
C PHE C 29 5.82 26.41 -7.62
N ASP C 30 5.23 27.02 -8.64
CA ASP C 30 4.27 26.31 -9.48
C ASP C 30 4.90 25.13 -10.20
N ASN C 31 6.20 25.19 -10.50
CA ASN C 31 6.87 24.17 -11.30
C ASN C 31 7.53 23.09 -10.45
N SER C 32 7.18 23.00 -9.17
CA SER C 32 7.85 22.08 -8.25
C SER C 32 6.82 21.20 -7.56
N TRP C 33 7.15 19.93 -7.40
CA TRP C 33 6.38 19.05 -6.55
C TRP C 33 6.70 19.31 -5.09
N MET C 34 5.69 19.14 -4.23
CA MET C 34 5.81 19.45 -2.81
C MET C 34 5.17 18.34 -2.01
N GLY C 35 5.50 18.28 -0.73
CA GLY C 35 4.94 17.26 0.13
C GLY C 35 5.25 17.53 1.59
N TRP C 36 5.00 16.51 2.41
CA TRP C 36 5.16 16.62 3.85
C TRP C 36 5.78 15.34 4.40
N VAL C 37 6.54 15.50 5.48
CA VAL C 37 7.12 14.39 6.24
C VAL C 37 6.94 14.71 7.71
N ARG C 38 6.64 13.69 8.51
CA ARG C 38 6.39 13.88 9.93
C ARG C 38 7.29 12.98 10.75
N GLN C 39 7.40 13.32 12.03
CA GLN C 39 8.26 12.58 12.96
C GLN C 39 7.61 12.63 14.34
N ALA C 40 6.96 11.54 14.72
CA ALA C 40 6.40 11.44 16.05
C ALA C 40 7.52 11.54 17.08
N PRO C 41 7.23 12.04 18.28
CA PRO C 41 8.29 12.17 19.29
C PRO C 41 8.90 10.82 19.63
N GLY C 42 10.24 10.76 19.61
CA GLY C 42 10.96 9.54 19.87
C GLY C 42 11.03 8.56 18.72
N LYS C 43 10.32 8.83 17.62
CA LYS C 43 10.28 7.94 16.46
C LYS C 43 11.06 8.56 15.31
N GLY C 44 11.18 7.80 14.22
CA GLY C 44 11.88 8.25 13.04
C GLY C 44 10.96 8.94 12.05
N LEU C 45 11.48 9.15 10.85
CA LEU C 45 10.75 9.87 9.82
C LEU C 45 9.69 8.98 9.18
N GLU C 46 8.64 9.61 8.68
CA GLU C 46 7.54 8.91 8.05
C GLU C 46 6.92 9.82 7.00
N TRP C 47 6.98 9.40 5.74
CA TRP C 47 6.41 10.20 4.67
C TRP C 47 4.91 10.34 4.88
N VAL C 48 4.39 11.54 4.61
CA VAL C 48 2.97 11.85 4.79
C VAL C 48 2.25 11.92 3.46
N GLY C 49 2.75 12.72 2.54
CA GLY C 49 2.12 12.85 1.23
C GLY C 49 2.86 13.86 0.38
N ARG C 50 2.51 13.86 -0.90
CA ARG C 50 3.05 14.82 -1.86
C ARG C 50 1.90 15.30 -2.74
N ILE C 51 2.17 16.36 -3.50
CA ILE C 51 1.23 16.89 -4.46
C ILE C 51 1.97 17.29 -5.72
N ARG C 52 1.35 17.06 -6.87
CA ARG C 52 1.94 17.39 -8.15
C ARG C 52 1.50 18.77 -8.59
N ARG C 53 2.09 19.24 -9.69
CA ARG C 53 1.70 20.52 -10.26
C ARG C 53 0.25 20.47 -10.73
N LEU C 54 -0.33 21.66 -10.86
CA LEU C 54 -1.71 21.75 -11.35
C LEU C 54 -1.84 21.12 -12.73
N LYS C 55 -0.85 21.35 -13.61
CA LYS C 55 -0.92 20.79 -14.96
C LYS C 55 -0.86 19.27 -14.95
N ASP C 56 -0.26 18.68 -13.91
CA ASP C 56 -0.21 17.22 -13.76
C ASP C 56 -1.50 16.67 -13.16
N GLY C 57 -2.51 17.50 -12.97
CA GLY C 57 -3.75 17.07 -12.33
C GLY C 57 -3.86 17.44 -10.87
N ALA C 58 -2.85 18.09 -10.31
CA ALA C 58 -2.83 18.44 -8.89
C ALA C 58 -3.11 17.20 -8.03
N THR C 59 -2.49 16.09 -8.42
CA THR C 59 -2.76 14.82 -7.76
C THR C 59 -2.10 14.78 -6.39
N GLY C 60 -2.89 14.47 -5.37
CA GLY C 60 -2.39 14.30 -4.03
C GLY C 60 -2.20 12.82 -3.73
N GLU C 61 -0.98 12.47 -3.34
CA GLU C 61 -0.63 11.10 -2.99
C GLU C 61 -0.21 11.06 -1.53
N TYR C 62 -0.73 10.09 -0.79
CA TYR C 62 -0.60 10.06 0.66
C TYR C 62 -0.13 8.69 1.13
N GLY C 63 0.53 8.69 2.29
CA GLY C 63 0.91 7.44 2.91
C GLY C 63 -0.30 6.69 3.45
N ALA C 64 -0.07 5.40 3.72
CA ALA C 64 -1.17 4.55 4.19
C ALA C 64 -1.75 5.04 5.51
N ALA C 65 -0.87 5.43 6.45
CA ALA C 65 -1.32 5.80 7.78
C ALA C 65 -2.23 7.02 7.77
N VAL C 66 -2.12 7.89 6.77
CA VAL C 66 -2.87 9.14 6.74
C VAL C 66 -3.88 9.21 5.61
N LYS C 67 -3.91 8.22 4.72
CA LYS C 67 -4.91 8.20 3.67
C LYS C 67 -6.29 8.14 4.28
N ASP C 68 -7.23 8.90 3.70
CA ASP C 68 -8.63 9.02 4.10
C ASP C 68 -8.83 10.08 5.17
N ARG C 69 -7.78 10.59 5.79
CA ARG C 69 -7.90 11.61 6.83
C ARG C 69 -7.16 12.90 6.49
N PHE C 70 -5.99 12.81 5.87
CA PHE C 70 -5.24 13.99 5.47
C PHE C 70 -5.40 14.24 3.98
N THR C 71 -5.49 15.51 3.61
CA THR C 71 -5.54 15.92 2.22
C THR C 71 -4.62 17.11 2.02
N ILE C 72 -3.83 17.08 0.95
CA ILE C 72 -2.90 18.15 0.61
C ILE C 72 -3.51 18.97 -0.51
N SER C 73 -3.26 20.27 -0.48
CA SER C 73 -3.70 21.18 -1.53
C SER C 73 -2.66 22.29 -1.68
N ARG C 74 -2.64 22.89 -2.85
CA ARG C 74 -1.67 23.95 -3.15
C ARG C 74 -2.38 25.16 -3.73
N ASP C 75 -1.70 26.30 -3.63
CA ASP C 75 -2.17 27.56 -4.17
C ASP C 75 -1.00 28.16 -4.95
N ASP C 76 -1.03 28.03 -6.27
CA ASP C 76 0.09 28.47 -7.10
C ASP C 76 0.15 29.99 -7.21
N SER C 77 -0.99 30.68 -7.00
CA SER C 77 -0.98 32.14 -7.06
C SER C 77 -0.38 32.75 -5.80
N ARG C 78 -0.61 32.13 -4.64
CA ARG C 78 -0.04 32.61 -3.39
C ARG C 78 1.22 31.85 -3.00
N ASN C 79 1.56 30.78 -3.72
CA ASN C 79 2.75 29.98 -3.42
C ASN C 79 2.64 29.34 -2.03
N MET C 80 1.50 28.69 -1.79
CA MET C 80 1.19 28.10 -0.50
C MET C 80 0.94 26.60 -0.67
N LEU C 81 1.48 25.83 0.27
CA LEU C 81 1.23 24.39 0.35
C LEU C 81 0.48 24.12 1.66
N TYR C 82 -0.60 23.36 1.58
CA TYR C 82 -1.46 23.11 2.72
C TYR C 82 -1.54 21.61 3.02
N LEU C 83 -1.61 21.29 4.31
CA LEU C 83 -1.91 19.96 4.80
C LEU C 83 -3.19 20.04 5.62
N HIS C 84 -4.28 19.54 5.08
CA HIS C 84 -5.57 19.54 5.78
C HIS C 84 -5.69 18.25 6.58
N MET C 85 -5.68 18.37 7.90
CA MET C 85 -5.82 17.24 8.79
C MET C 85 -7.20 17.29 9.45
N ARG C 86 -7.96 16.21 9.31
CA ARG C 86 -9.27 16.09 9.94
C ARG C 86 -9.36 14.76 10.66
N THR C 87 -10.29 14.68 11.61
CA THR C 87 -10.47 13.48 12.42
C THR C 87 -9.12 13.01 12.97
N LEU C 88 -8.44 13.92 13.66
CA LEU C 88 -7.08 13.66 14.12
C LEU C 88 -7.06 12.62 15.22
N LYS C 89 -5.91 11.97 15.35
CA LYS C 89 -5.68 10.95 16.37
C LYS C 89 -4.37 11.23 17.08
N THR C 90 -4.25 10.72 18.30
CA THR C 90 -3.04 10.95 19.09
C THR C 90 -1.78 10.54 18.33
N GLU C 91 -1.86 9.50 17.51
CA GLU C 91 -0.69 9.06 16.74
C GLU C 91 -0.30 10.04 15.65
N ASP C 92 -1.09 11.08 15.39
CA ASP C 92 -0.72 12.12 14.44
C ASP C 92 0.18 13.19 15.04
N SER C 93 0.46 13.12 16.34
CA SER C 93 1.35 14.08 16.97
C SER C 93 2.76 13.94 16.41
N GLY C 94 3.47 15.05 16.36
CA GLY C 94 4.86 15.04 15.93
C GLY C 94 5.21 16.32 15.22
N THR C 95 6.40 16.31 14.63
CA THR C 95 6.92 17.45 13.88
C THR C 95 6.67 17.21 12.40
N TYR C 96 5.87 18.07 11.78
CA TYR C 96 5.58 17.97 10.35
C TYR C 96 6.47 18.95 9.60
N TYR C 97 7.25 18.43 8.66
CA TYR C 97 8.10 19.23 7.78
C TYR C 97 7.48 19.25 6.39
N CYS C 98 7.36 20.44 5.80
CA CYS C 98 7.07 20.52 4.37
C CYS C 98 8.37 20.42 3.60
N THR C 99 8.31 19.75 2.45
CA THR C 99 9.50 19.50 1.64
C THR C 99 9.29 20.01 0.22
N MET C 100 10.39 20.41 -0.41
CA MET C 100 10.42 20.65 -1.85
C MET C 100 10.97 19.39 -2.49
N ASP C 101 10.10 18.64 -3.16
CA ASP C 101 10.50 17.41 -3.81
C ASP C 101 10.95 17.67 -5.24
N GLU C 102 11.84 16.81 -5.71
CA GLU C 102 12.21 16.79 -7.12
C GLU C 102 12.58 15.37 -7.50
N GLY C 103 12.77 15.15 -8.80
CA GLY C 103 13.05 13.83 -9.31
C GLY C 103 14.15 13.87 -10.35
N THR C 104 14.67 12.70 -10.66
CA THR C 104 15.68 12.53 -11.71
C THR C 104 15.18 11.43 -12.62
N PRO C 105 15.03 11.68 -13.93
CA PRO C 105 14.58 10.62 -14.83
C PRO C 105 15.54 9.44 -14.81
N VAL C 106 14.99 8.24 -14.88
CA VAL C 106 15.79 7.04 -15.05
C VAL C 106 16.20 6.94 -16.51
N THR C 107 17.49 6.71 -16.75
CA THR C 107 18.01 6.69 -18.12
C THR C 107 17.98 5.32 -18.75
N ARG C 108 17.98 4.24 -17.94
CA ARG C 108 17.89 2.89 -18.49
C ARG C 108 16.64 2.77 -19.35
N PHE C 109 16.83 2.51 -20.64
CA PHE C 109 15.73 2.60 -21.61
C PHE C 109 14.50 1.84 -21.13
N LEU C 110 14.68 0.62 -20.64
CA LEU C 110 13.54 -0.19 -20.23
C LEU C 110 12.72 0.45 -19.11
N GLU C 111 13.30 1.42 -18.40
CA GLU C 111 12.61 2.12 -17.32
C GLU C 111 12.28 3.56 -17.68
N TRP C 112 12.35 3.91 -18.96
CA TRP C 112 11.93 5.23 -19.41
C TRP C 112 10.49 5.50 -18.97
N GLY C 113 10.29 6.61 -18.27
CA GLY C 113 9.03 6.94 -17.65
C GLY C 113 9.08 6.93 -16.14
N TYR C 114 10.08 6.28 -15.55
CA TYR C 114 10.27 6.25 -14.12
C TYR C 114 11.26 7.32 -13.69
N PHE C 115 11.23 7.66 -12.41
CA PHE C 115 12.11 8.69 -11.88
C PHE C 115 12.52 8.32 -10.46
N TYR C 116 13.72 8.73 -10.09
CA TYR C 116 14.08 8.82 -8.68
C TYR C 116 13.30 9.97 -8.05
N TYR C 117 12.91 9.80 -6.80
CA TYR C 117 12.10 10.80 -6.11
C TYR C 117 12.60 10.99 -4.70
N TYR C 118 12.76 12.25 -4.29
CA TYR C 118 13.35 12.57 -3.00
C TYR C 118 12.87 13.93 -2.55
N MET C 119 13.01 14.19 -1.24
CA MET C 119 12.75 15.49 -0.67
C MET C 119 14.06 16.27 -0.64
N ALA C 120 14.19 17.26 -1.53
CA ALA C 120 15.45 17.96 -1.72
C ALA C 120 15.64 19.13 -0.75
N VAL C 121 14.57 19.75 -0.27
CA VAL C 121 14.66 20.88 0.65
C VAL C 121 13.54 20.74 1.68
N TRP C 122 13.91 20.85 2.96
CA TRP C 122 12.98 20.65 4.06
C TRP C 122 12.81 21.95 4.84
N GLY C 123 11.59 22.17 5.34
CA GLY C 123 11.33 23.30 6.22
C GLY C 123 11.81 23.04 7.64
N ARG C 124 11.58 24.04 8.49
CA ARG C 124 11.97 23.94 9.89
C ARG C 124 11.06 23.03 10.72
N GLY C 125 9.89 22.69 10.21
CA GLY C 125 8.97 21.83 10.93
C GLY C 125 8.03 22.61 11.83
N THR C 126 6.81 22.09 11.96
CA THR C 126 5.81 22.65 12.86
C THR C 126 5.31 21.55 13.78
N THR C 127 5.07 21.90 15.04
CA THR C 127 4.69 20.94 16.06
C THR C 127 3.17 20.77 16.08
N VAL C 128 2.73 19.51 16.13
CA VAL C 128 1.33 19.15 16.28
C VAL C 128 1.20 18.26 17.50
N ILE C 129 0.30 18.63 18.42
CA ILE C 129 0.01 17.83 19.60
C ILE C 129 -1.49 17.52 19.57
N VAL C 130 -1.81 16.24 19.43
CA VAL C 130 -3.20 15.77 19.43
C VAL C 130 -3.44 15.04 20.74
N SER C 131 -4.17 15.68 21.64
CA SER C 131 -4.43 15.09 22.95
C SER C 131 -5.68 15.71 23.56
N SER C 132 -6.36 14.94 24.39
CA SER C 132 -7.50 15.45 25.14
C SER C 132 -7.10 16.09 26.46
N ALA C 133 -5.82 16.02 26.83
CA ALA C 133 -5.38 16.56 28.09
C ALA C 133 -5.47 18.08 28.06
N SER C 134 -5.89 18.67 29.17
CA SER C 134 -5.92 20.13 29.22
C SER C 134 -4.53 20.68 29.51
N THR C 135 -4.34 21.94 29.15
CA THR C 135 -3.09 22.61 29.44
C THR C 135 -2.94 22.75 30.95
N LYS C 136 -1.76 22.45 31.47
CA LYS C 136 -1.53 22.53 32.90
C LYS C 136 -0.08 22.93 33.14
N GLY C 137 0.12 23.78 34.13
CA GLY C 137 1.45 24.22 34.49
C GLY C 137 2.11 23.24 35.44
N PRO C 138 3.44 23.29 35.52
CA PRO C 138 4.16 22.32 36.34
C PRO C 138 4.19 22.68 37.81
N SER C 139 4.44 21.66 38.63
CA SER C 139 4.72 21.81 40.05
C SER C 139 6.21 21.58 40.25
N VAL C 140 6.93 22.64 40.61
CA VAL C 140 8.38 22.58 40.72
C VAL C 140 8.76 22.20 42.15
N PHE C 141 9.39 21.03 42.31
CA PHE C 141 9.89 20.56 43.59
C PHE C 141 11.42 20.53 43.57
N PRO C 142 12.08 20.86 44.67
CA PRO C 142 13.54 20.87 44.69
C PRO C 142 14.12 19.48 44.84
N LEU C 143 15.40 19.35 44.48
CA LEU C 143 16.15 18.12 44.63
C LEU C 143 17.40 18.43 45.45
N ALA C 144 17.33 18.13 46.75
CA ALA C 144 18.38 18.48 47.72
C ALA C 144 19.21 19.67 47.29
N GLY C 152 31.42 15.25 48.46
CA GLY C 152 32.79 15.70 48.62
C GLY C 152 32.94 17.20 48.44
N GLY C 153 33.59 17.59 47.35
CA GLY C 153 33.82 19.01 47.07
C GLY C 153 32.75 19.60 46.18
N THR C 154 32.20 18.80 45.27
CA THR C 154 31.17 19.25 44.34
C THR C 154 29.83 18.63 44.75
N ALA C 155 28.79 19.46 44.77
CA ALA C 155 27.45 19.00 45.08
C ALA C 155 26.56 19.13 43.85
N ALA C 156 25.42 18.43 43.90
CA ALA C 156 24.49 18.37 42.77
C ALA C 156 23.14 18.89 43.23
N LEU C 157 22.64 19.91 42.53
CA LEU C 157 21.34 20.49 42.79
C LEU C 157 20.44 20.29 41.57
N GLY C 158 19.14 20.30 41.80
CA GLY C 158 18.21 20.11 40.69
C GLY C 158 16.80 20.52 41.07
N CYS C 159 15.96 20.58 40.03
CA CYS C 159 14.55 20.91 40.17
C CYS C 159 13.72 19.82 39.48
N LEU C 160 12.58 19.48 40.08
CA LEU C 160 11.70 18.45 39.56
C LEU C 160 10.45 19.15 39.00
N VAL C 161 10.38 19.24 37.67
CA VAL C 161 9.25 19.86 36.99
C VAL C 161 8.25 18.74 36.69
N LYS C 162 7.11 18.75 37.40
CA LYS C 162 6.23 17.60 37.47
C LYS C 162 4.78 17.99 37.16
N ASP C 163 4.10 17.11 36.42
CA ASP C 163 2.66 17.20 36.20
C ASP C 163 2.27 18.46 35.43
N TYR C 164 2.75 18.58 34.19
CA TYR C 164 2.38 19.65 33.28
C TYR C 164 1.98 19.05 31.94
N PHE C 165 1.36 19.88 31.10
CA PHE C 165 0.98 19.44 29.76
C PHE C 165 0.56 20.66 28.92
N PRO C 166 0.92 20.70 27.63
CA PRO C 166 1.79 19.76 26.91
C PRO C 166 3.26 20.15 27.03
N GLU C 167 4.13 19.45 26.32
CA GLU C 167 5.50 19.92 26.16
C GLU C 167 5.50 21.19 25.32
N PRO C 168 6.61 21.96 25.34
CA PRO C 168 7.84 21.75 26.10
C PRO C 168 7.96 22.61 27.35
N VAL C 169 9.07 22.43 28.06
CA VAL C 169 9.44 23.25 29.20
C VAL C 169 10.85 23.76 28.97
N THR C 170 11.09 25.02 29.35
CA THR C 170 12.41 25.60 29.34
C THR C 170 12.88 25.76 30.78
N VAL C 171 14.14 25.44 31.04
CA VAL C 171 14.72 25.55 32.38
C VAL C 171 16.08 26.21 32.28
N SER C 172 16.26 27.28 33.05
CA SER C 172 17.55 27.93 33.22
C SER C 172 17.86 28.02 34.71
N TRP C 173 19.09 28.40 35.02
CA TRP C 173 19.53 28.53 36.41
C TRP C 173 20.13 29.91 36.62
N ASN C 174 19.71 30.57 37.70
CA ASN C 174 20.17 31.93 38.00
C ASN C 174 19.92 32.85 36.82
N SER C 175 18.73 32.74 36.23
CA SER C 175 18.33 33.58 35.11
C SER C 175 19.30 33.48 33.95
N GLY C 176 19.75 32.26 33.66
CA GLY C 176 20.65 32.03 32.55
C GLY C 176 22.09 32.37 32.82
N ALA C 177 22.39 33.04 33.93
CA ALA C 177 23.78 33.36 34.25
C ALA C 177 24.59 32.10 34.53
N LEU C 178 23.92 31.03 34.97
CA LEU C 178 24.56 29.76 35.27
C LEU C 178 24.16 28.76 34.20
N THR C 179 25.12 28.41 33.35
CA THR C 179 24.90 27.41 32.30
C THR C 179 25.95 26.31 32.26
N SER C 180 27.14 26.52 32.83
CA SER C 180 28.17 25.50 32.81
C SER C 180 27.80 24.38 33.76
N GLY C 181 27.66 23.16 33.23
CA GLY C 181 27.35 22.01 34.05
C GLY C 181 25.87 21.77 34.27
N VAL C 182 25.02 22.21 33.34
CA VAL C 182 23.58 22.05 33.46
C VAL C 182 23.15 20.86 32.62
N HIS C 183 22.18 20.09 33.14
CA HIS C 183 21.62 18.96 32.41
C HIS C 183 20.11 18.94 32.65
N THR C 184 19.35 19.28 31.63
CA THR C 184 17.89 19.18 31.67
C THR C 184 17.49 17.94 30.89
N PHE C 185 16.93 16.96 31.56
CA PHE C 185 16.64 15.67 30.95
C PHE C 185 15.40 15.77 30.07
N PRO C 186 15.28 14.90 29.07
CA PRO C 186 14.03 14.85 28.30
C PRO C 186 12.84 14.52 29.21
N ALA C 187 11.66 14.96 28.78
CA ALA C 187 10.45 14.69 29.53
C ALA C 187 10.01 13.24 29.32
N VAL C 188 9.28 12.74 30.31
CA VAL C 188 8.64 11.43 30.22
C VAL C 188 7.15 11.62 30.53
N LEU C 189 6.30 10.94 29.77
CA LEU C 189 4.87 10.99 30.00
C LEU C 189 4.52 10.06 31.15
N GLN C 190 3.89 10.60 32.18
CA GLN C 190 3.54 9.83 33.37
C GLN C 190 2.26 9.04 33.14
N SER C 191 2.02 8.08 34.03
CA SER C 191 0.83 7.25 33.93
C SER C 191 -0.45 8.06 34.03
N SER C 192 -0.40 9.26 34.61
CA SER C 192 -1.56 10.14 34.69
C SER C 192 -1.86 10.85 33.38
N GLY C 193 -0.92 10.84 32.43
CA GLY C 193 -1.06 11.60 31.20
C GLY C 193 -0.37 12.94 31.22
N LEU C 194 0.33 13.28 32.30
CA LEU C 194 1.06 14.54 32.43
C LEU C 194 2.55 14.28 32.32
N TYR C 195 3.30 15.31 31.95
CA TYR C 195 4.73 15.19 31.75
C TYR C 195 5.50 15.52 33.02
N SER C 196 6.69 14.95 33.13
CA SER C 196 7.58 15.20 34.25
C SER C 196 9.01 15.11 33.77
N LEU C 197 9.86 16.01 34.26
CA LEU C 197 11.29 15.95 33.99
C LEU C 197 12.03 16.55 35.18
N SER C 198 13.35 16.51 35.12
CA SER C 198 14.19 17.12 36.13
C SER C 198 15.32 17.88 35.44
N SER C 199 15.74 18.97 36.06
CA SER C 199 16.89 19.74 35.62
C SER C 199 17.87 19.81 36.78
N VAL C 200 19.15 19.56 36.48
CA VAL C 200 20.17 19.46 37.50
C VAL C 200 21.36 20.31 37.10
N VAL C 201 22.19 20.64 38.10
CA VAL C 201 23.40 21.42 37.88
C VAL C 201 24.40 21.06 38.96
N THR C 202 25.65 20.85 38.55
CA THR C 202 26.74 20.55 39.47
C THR C 202 27.52 21.82 39.75
N VAL C 203 27.79 22.08 41.02
CA VAL C 203 28.49 23.29 41.44
C VAL C 203 29.40 22.97 42.61
N PRO C 204 30.40 23.84 42.87
CA PRO C 204 31.30 23.61 44.01
C PRO C 204 30.56 23.57 45.35
N SER C 205 31.31 23.39 46.43
CA SER C 205 30.72 23.35 47.77
C SER C 205 31.27 24.48 48.64
N TYR C 213 21.18 29.56 44.46
CA TYR C 213 20.92 28.84 43.21
C TYR C 213 19.40 28.74 42.98
N ILE C 214 18.97 29.12 41.79
CA ILE C 214 17.55 29.17 41.44
C ILE C 214 17.36 28.60 40.05
N CYS C 215 16.33 27.77 39.88
CA CYS C 215 15.96 27.22 38.59
C CYS C 215 14.74 27.97 38.06
N ASN C 216 14.79 28.35 36.78
CA ASN C 216 13.74 29.15 36.16
C ASN C 216 12.97 28.25 35.19
N VAL C 217 11.79 27.78 35.60
CA VAL C 217 11.00 26.85 34.83
C VAL C 217 9.93 27.64 34.08
N ASN C 218 9.99 27.59 32.77
CA ASN C 218 9.03 28.26 31.94
C ASN C 218 8.23 27.26 31.12
N HIS C 219 6.91 27.43 31.14
CA HIS C 219 6.00 26.58 30.37
C HIS C 219 5.07 27.52 29.62
N LYS C 220 5.45 27.85 28.39
CA LYS C 220 4.68 28.84 27.62
C LYS C 220 3.27 28.39 27.31
N PRO C 221 2.99 27.13 27.00
CA PRO C 221 1.59 26.74 26.71
C PRO C 221 0.61 27.18 27.78
N SER C 222 1.02 27.25 29.04
CA SER C 222 0.20 27.79 30.11
C SER C 222 0.65 29.16 30.58
N ASN C 223 1.73 29.69 30.01
CA ASN C 223 2.24 31.02 30.38
C ASN C 223 2.61 31.07 31.86
N THR C 224 3.30 30.03 32.31
CA THR C 224 3.70 29.89 33.70
C THR C 224 5.20 30.11 33.84
N LYS C 225 5.58 30.85 34.88
CA LYS C 225 6.98 31.09 35.21
C LYS C 225 7.17 30.85 36.69
N VAL C 226 8.02 29.89 37.03
CA VAL C 226 8.29 29.52 38.41
C VAL C 226 9.79 29.65 38.62
N ASP C 227 10.18 30.47 39.59
CA ASP C 227 11.58 30.64 39.98
C ASP C 227 11.74 30.05 41.37
N LYS C 228 12.37 28.88 41.47
CA LYS C 228 12.51 28.14 42.72
C LYS C 228 13.97 28.08 43.13
N ARG C 229 14.24 28.49 44.37
CA ARG C 229 15.58 28.44 44.92
C ARG C 229 15.82 27.07 45.54
N VAL C 230 17.00 26.51 45.26
CA VAL C 230 17.38 25.19 45.75
C VAL C 230 18.46 25.37 46.81
N GLU C 231 18.14 24.99 48.05
CA GLU C 231 19.08 25.07 49.16
C GLU C 231 18.84 23.87 50.06
N PRO C 232 19.90 23.26 50.62
CA PRO C 232 19.72 22.07 51.47
C PRO C 232 19.00 22.38 52.78
N ASP D 1 4.13 -2.11 2.43
CA ASP D 1 4.55 -3.43 1.88
C ASP D 1 6.07 -3.53 1.80
N ILE D 2 6.73 -2.38 1.68
CA ILE D 2 8.20 -2.31 1.64
C ILE D 2 8.68 -1.82 3.00
N VAL D 3 9.57 -2.60 3.61
CA VAL D 3 10.15 -2.28 4.91
C VAL D 3 11.64 -2.06 4.73
N MET D 4 12.15 -0.99 5.32
CA MET D 4 13.57 -0.67 5.31
C MET D 4 14.11 -0.85 6.72
N THR D 5 15.19 -1.62 6.84
CA THR D 5 15.83 -1.89 8.14
C THR D 5 17.29 -1.50 8.05
N GLN D 6 17.68 -0.51 8.83
CA GLN D 6 19.07 -0.08 8.90
C GLN D 6 19.80 -0.82 10.02
N SER D 7 21.12 -0.91 9.88
CA SER D 7 21.93 -1.52 10.92
C SER D 7 23.32 -0.91 10.86
N PRO D 8 23.93 -0.55 12.01
CA PRO D 8 23.33 -0.58 13.35
C PRO D 8 22.39 0.58 13.62
N SER D 9 21.54 0.47 14.63
CA SER D 9 20.71 1.59 15.03
C SER D 9 21.53 2.71 15.67
N SER D 10 22.67 2.36 16.25
CA SER D 10 23.56 3.34 16.86
C SER D 10 24.99 2.85 16.71
N VAL D 11 25.93 3.78 16.62
CA VAL D 11 27.34 3.45 16.52
C VAL D 11 28.16 4.63 17.02
N SER D 12 29.22 4.32 17.76
CA SER D 12 30.16 5.32 18.24
C SER D 12 31.47 5.19 17.46
N ALA D 13 32.12 6.33 17.24
CA ALA D 13 33.39 6.35 16.52
C ALA D 13 34.07 7.68 16.77
N SER D 14 35.38 7.70 16.56
CA SER D 14 36.18 8.90 16.67
C SER D 14 36.35 9.55 15.30
N VAL D 15 36.78 10.81 15.31
CA VAL D 15 37.10 11.49 14.07
C VAL D 15 38.18 10.71 13.33
N GLY D 16 38.12 10.76 11.99
CA GLY D 16 39.06 10.03 11.18
C GLY D 16 38.77 8.54 11.06
N ASP D 17 37.59 8.10 11.45
CA ASP D 17 37.18 6.72 11.34
C ASP D 17 36.26 6.54 10.14
N ARG D 18 36.23 5.31 9.62
CA ARG D 18 35.29 4.95 8.57
C ARG D 18 34.04 4.38 9.19
N VAL D 19 32.90 5.01 8.91
CA VAL D 19 31.60 4.56 9.39
C VAL D 19 30.87 3.93 8.22
N THR D 20 30.21 2.81 8.47
CA THR D 20 29.49 2.07 7.44
C THR D 20 28.10 1.73 7.97
N ILE D 21 27.09 2.46 7.50
CA ILE D 21 25.70 2.17 7.80
C ILE D 21 25.12 1.40 6.63
N THR D 22 24.37 0.34 6.92
CA THR D 22 23.76 -0.49 5.89
C THR D 22 22.24 -0.37 5.97
N CYS D 23 21.60 -0.38 4.81
CA CYS D 23 20.14 -0.28 4.70
C CYS D 23 19.66 -1.44 3.83
N ARG D 24 18.68 -2.18 4.33
CA ARG D 24 18.18 -3.38 3.69
C ARG D 24 16.70 -3.22 3.37
N ALA D 25 16.30 -3.67 2.19
CA ALA D 25 14.93 -3.57 1.74
C ALA D 25 14.29 -4.96 1.72
N SER D 26 13.03 -5.03 2.13
CA SER D 26 12.31 -6.30 2.11
C SER D 26 12.13 -6.85 0.71
N GLN D 27 12.41 -6.05 -0.33
CA GLN D 27 12.32 -6.53 -1.70
C GLN D 27 13.32 -5.76 -2.56
N ASN D 28 13.43 -6.18 -3.81
CA ASN D 28 14.36 -5.54 -4.74
C ASN D 28 13.81 -4.19 -5.17
N ILE D 29 14.64 -3.15 -5.04
CA ILE D 29 14.24 -1.79 -5.37
C ILE D 29 15.26 -1.13 -6.27
N ARG D 30 16.12 -1.94 -6.90
CA ARG D 30 17.12 -1.45 -7.86
C ARG D 30 17.97 -0.40 -7.15
N ASP D 31 18.10 0.81 -7.67
CA ASP D 31 18.87 1.88 -7.06
C ASP D 31 17.99 3.05 -6.62
N TYR D 32 16.69 2.80 -6.43
CA TYR D 32 15.75 3.83 -5.99
C TYR D 32 15.85 3.94 -4.47
N LEU D 33 16.91 4.59 -4.00
CA LEU D 33 17.12 4.75 -2.57
C LEU D 33 17.79 6.08 -2.30
N ASN D 34 17.35 6.74 -1.24
CA ASN D 34 17.92 8.01 -0.80
C ASN D 34 18.50 7.85 0.60
N TRP D 35 19.44 8.72 0.93
CA TRP D 35 19.99 8.84 2.28
C TRP D 35 19.77 10.26 2.78
N TYR D 36 19.42 10.39 4.05
CA TYR D 36 19.15 11.68 4.67
C TYR D 36 19.97 11.82 5.95
N GLN D 37 20.49 13.02 6.17
CA GLN D 37 21.20 13.37 7.39
C GLN D 37 20.31 14.27 8.23
N HIS D 38 20.22 13.97 9.52
CA HIS D 38 19.38 14.73 10.44
C HIS D 38 20.19 14.99 11.71
N LYS D 39 20.64 16.23 11.88
CA LYS D 39 21.35 16.67 13.06
C LYS D 39 20.38 17.31 14.05
N PRO D 40 20.56 17.12 15.35
CA PRO D 40 19.59 17.68 16.31
C PRO D 40 19.56 19.19 16.25
N GLY D 41 18.36 19.75 16.40
CA GLY D 41 18.16 21.17 16.22
C GLY D 41 18.21 21.60 14.78
N GLY D 42 17.98 20.68 13.84
CA GLY D 42 18.01 20.99 12.43
C GLY D 42 17.02 20.12 11.69
N SER D 43 16.67 20.55 10.49
CA SER D 43 15.78 19.80 9.62
C SER D 43 16.56 18.75 8.83
N PRO D 44 15.93 17.63 8.47
CA PRO D 44 16.64 16.62 7.68
C PRO D 44 17.18 17.18 6.37
N ARG D 45 18.27 16.58 5.91
CA ARG D 45 19.05 17.06 4.79
C ARG D 45 19.31 15.91 3.83
N LEU D 46 19.00 16.10 2.55
CA LEU D 46 19.22 15.06 1.56
C LEU D 46 20.72 14.95 1.25
N LEU D 47 21.23 13.72 1.27
CA LEU D 47 22.62 13.43 0.94
C LEU D 47 22.78 12.80 -0.43
N ILE D 48 22.04 11.73 -0.69
CA ILE D 48 22.25 10.88 -1.85
C ILE D 48 20.89 10.43 -2.38
N TYR D 49 20.73 10.44 -3.70
CA TYR D 49 19.63 9.77 -4.36
C TYR D 49 20.21 8.83 -5.40
N ALA D 50 19.36 7.98 -5.96
CA ALA D 50 19.80 6.97 -6.92
C ALA D 50 20.82 6.01 -6.31
N ALA D 51 20.80 5.88 -4.98
CA ALA D 51 21.64 4.94 -4.23
C ALA D 51 23.07 5.44 -4.08
N SER D 52 23.62 6.10 -5.09
CA SER D 52 25.02 6.52 -5.04
C SER D 52 25.30 7.92 -5.56
N THR D 53 24.28 8.65 -6.02
CA THR D 53 24.48 9.98 -6.59
C THR D 53 24.42 11.01 -5.48
N LEU D 54 25.52 11.76 -5.30
CA LEU D 54 25.59 12.78 -4.27
C LEU D 54 24.81 14.02 -4.69
N GLN D 55 24.02 14.55 -3.77
CA GLN D 55 23.33 15.82 -3.99
C GLN D 55 24.33 16.96 -3.99
N THR D 56 24.03 18.00 -4.77
CA THR D 56 24.92 19.15 -4.84
C THR D 56 25.06 19.79 -3.47
N GLY D 57 26.30 20.12 -3.10
CA GLY D 57 26.59 20.72 -1.82
C GLY D 57 27.02 19.73 -0.75
N VAL D 58 26.90 18.43 -1.01
CA VAL D 58 27.26 17.40 -0.04
C VAL D 58 28.77 17.14 -0.14
N PRO D 59 29.47 16.92 0.97
CA PRO D 59 30.88 16.56 0.89
C PRO D 59 31.08 15.19 0.27
N SER D 60 32.23 15.02 -0.39
CA SER D 60 32.58 13.73 -0.98
C SER D 60 32.96 12.68 0.06
N ARG D 61 33.00 13.04 1.34
CA ARG D 61 33.23 12.05 2.39
C ARG D 61 32.08 11.05 2.49
N PHE D 62 30.90 11.41 2.01
CA PHE D 62 29.75 10.51 1.98
C PHE D 62 29.70 9.81 0.63
N SER D 63 29.61 8.48 0.65
CA SER D 63 29.48 7.69 -0.55
C SER D 63 28.39 6.65 -0.36
N GLY D 64 27.54 6.50 -1.37
CA GLY D 64 26.47 5.51 -1.37
C GLY D 64 26.78 4.41 -2.38
N SER D 65 26.51 3.17 -1.99
CA SER D 65 26.73 2.03 -2.87
C SER D 65 25.59 1.03 -2.66
N GLY D 66 25.65 -0.07 -3.39
CA GLY D 66 24.64 -1.11 -3.30
C GLY D 66 23.59 -1.01 -4.38
N SER D 67 22.80 -2.07 -4.49
CA SER D 67 21.73 -2.16 -5.47
C SER D 67 20.88 -3.38 -5.15
N GLY D 68 19.58 -3.26 -5.42
CA GLY D 68 18.67 -4.35 -5.18
C GLY D 68 17.98 -4.25 -3.83
N ASN D 69 18.56 -4.91 -2.81
CA ASN D 69 17.95 -4.93 -1.49
C ASN D 69 18.99 -4.70 -0.38
N LEU D 70 20.23 -4.38 -0.72
CA LEU D 70 21.28 -4.13 0.27
C LEU D 70 22.03 -2.88 -0.14
N PHE D 71 21.97 -1.85 0.71
CA PHE D 71 22.61 -0.58 0.43
C PHE D 71 23.45 -0.18 1.64
N THR D 72 24.52 0.58 1.38
CA THR D 72 25.45 0.96 2.41
C THR D 72 25.82 2.43 2.27
N LEU D 73 25.85 3.13 3.39
CA LEU D 73 26.35 4.50 3.46
C LEU D 73 27.69 4.49 4.17
N THR D 74 28.71 5.06 3.53
CA THR D 74 30.07 5.05 4.05
C THR D 74 30.56 6.47 4.25
N ILE D 75 31.13 6.73 5.43
CA ILE D 75 31.74 8.01 5.78
C ILE D 75 33.19 7.71 6.10
N THR D 76 34.10 8.08 5.19
CA THR D 76 35.51 7.74 5.38
C THR D 76 36.19 8.68 6.36
N ASN D 77 36.28 9.97 6.03
CA ASN D 77 36.96 10.95 6.88
C ASN D 77 35.94 11.63 7.80
N LEU D 78 35.44 10.86 8.75
CA LEU D 78 34.38 11.35 9.63
C LEU D 78 34.79 12.67 10.28
N GLN D 79 33.85 13.60 10.35
CA GLN D 79 34.07 14.94 10.84
C GLN D 79 33.07 15.27 11.95
N PRO D 80 33.34 16.32 12.73
CA PRO D 80 32.39 16.65 13.82
C PRO D 80 30.96 16.85 13.37
N GLU D 81 30.75 17.60 12.27
CA GLU D 81 29.39 17.84 11.81
C GLU D 81 28.69 16.57 11.38
N ASP D 82 29.44 15.51 11.09
CA ASP D 82 28.85 14.27 10.62
C ASP D 82 28.23 13.43 11.73
N PHE D 83 28.38 13.84 12.99
CA PHE D 83 27.77 13.12 14.10
C PHE D 83 26.30 13.50 14.15
N ALA D 84 25.45 12.58 13.71
CA ALA D 84 24.03 12.86 13.56
C ALA D 84 23.31 11.54 13.32
N THR D 85 22.01 11.63 13.05
CA THR D 85 21.19 10.47 12.73
C THR D 85 20.96 10.42 11.23
N TYR D 86 21.15 9.25 10.64
CA TYR D 86 21.03 9.06 9.20
C TYR D 86 19.88 8.12 8.91
N TYR D 87 19.13 8.42 7.85
CA TYR D 87 18.03 7.59 7.41
C TYR D 87 18.22 7.21 5.94
N CYS D 88 17.75 6.02 5.60
CA CYS D 88 17.60 5.64 4.20
C CYS D 88 16.12 5.66 3.85
N GLN D 89 15.83 5.85 2.58
CA GLN D 89 14.46 5.92 2.10
C GLN D 89 14.37 5.28 0.72
N GLU D 90 13.31 4.51 0.53
CA GLU D 90 13.05 3.87 -0.76
C GLU D 90 12.09 4.75 -1.56
N ASN D 91 12.28 4.77 -2.88
CA ASN D 91 11.39 5.50 -3.79
C ASN D 91 11.22 4.68 -5.07
N TYR D 92 10.72 3.46 -4.91
CA TYR D 92 10.66 2.50 -6.01
C TYR D 92 9.28 2.37 -6.65
N ASN D 93 8.22 2.33 -5.85
CA ASN D 93 6.88 2.11 -6.39
C ASN D 93 6.37 3.34 -7.12
N THR D 94 5.79 3.13 -8.31
CA THR D 94 5.17 4.24 -9.04
C THR D 94 4.03 4.86 -8.21
N ILE D 95 3.32 4.03 -7.44
CA ILE D 95 2.43 4.52 -6.40
C ILE D 95 3.27 4.71 -5.13
N PRO D 96 3.56 5.94 -4.72
CA PRO D 96 4.61 6.15 -3.72
C PRO D 96 4.26 5.53 -2.38
N SER D 97 5.20 4.77 -1.84
CA SER D 97 5.20 4.40 -0.42
C SER D 97 6.24 5.17 0.37
N LEU D 98 7.41 5.43 -0.23
CA LEU D 98 8.44 6.29 0.35
C LEU D 98 8.69 5.94 1.82
N SER D 99 9.17 4.71 2.03
CA SER D 99 9.35 4.17 3.37
C SER D 99 10.78 4.46 3.86
N PHE D 100 10.88 4.96 5.09
CA PHE D 100 12.17 5.24 5.70
C PHE D 100 12.69 4.04 6.49
N GLY D 101 14.00 4.06 6.76
CA GLY D 101 14.55 3.20 7.78
C GLY D 101 14.41 3.80 9.17
N GLN D 102 14.55 2.94 10.18
CA GLN D 102 14.35 3.42 11.55
C GLN D 102 15.35 4.49 11.95
N GLY D 103 16.48 4.59 11.24
CA GLY D 103 17.49 5.58 11.54
C GLY D 103 18.72 4.96 12.19
N THR D 104 19.83 5.70 12.10
CA THR D 104 21.11 5.26 12.64
C THR D 104 21.82 6.48 13.20
N LYS D 105 22.03 6.52 14.51
CA LYS D 105 22.69 7.64 15.16
C LYS D 105 24.18 7.33 15.34
N VAL D 106 25.02 8.26 14.92
CA VAL D 106 26.47 8.15 15.06
C VAL D 106 26.91 9.06 16.20
N ASP D 107 27.56 8.48 17.21
CA ASP D 107 28.00 9.23 18.37
C ASP D 107 29.51 9.40 18.37
N ILE D 108 29.97 10.35 19.17
CA ILE D 108 31.40 10.62 19.31
C ILE D 108 31.99 9.67 20.34
N ARG D 109 33.12 9.05 19.98
CA ARG D 109 33.81 8.15 20.90
C ARG D 109 34.77 8.95 21.78
N ARG D 110 34.78 8.62 23.07
CA ARG D 110 35.70 9.23 24.01
C ARG D 110 36.07 8.20 25.06
N THR D 111 37.07 8.54 25.88
CA THR D 111 37.53 7.63 26.92
C THR D 111 36.40 7.29 27.88
N VAL D 112 36.47 6.09 28.44
CA VAL D 112 35.47 5.67 29.41
C VAL D 112 35.46 6.64 30.58
N ALA D 113 34.26 7.04 31.00
CA ALA D 113 34.09 7.98 32.10
C ALA D 113 32.97 7.47 33.01
N ALA D 114 33.28 7.29 34.28
CA ALA D 114 32.28 6.79 35.20
C ALA D 114 31.29 7.89 35.54
N PRO D 115 30.02 7.55 35.80
CA PRO D 115 29.05 8.56 36.21
C PRO D 115 29.31 9.02 37.63
N SER D 116 29.03 10.30 37.87
CA SER D 116 28.99 10.84 39.22
C SER D 116 27.57 10.67 39.73
N VAL D 117 27.41 9.85 40.77
CA VAL D 117 26.08 9.43 41.22
C VAL D 117 25.67 10.30 42.41
N PHE D 118 24.42 10.76 42.38
CA PHE D 118 23.81 11.46 43.50
C PHE D 118 22.39 10.96 43.68
N ILE D 119 21.94 10.94 44.93
CA ILE D 119 20.56 10.58 45.25
C ILE D 119 19.89 11.78 45.89
N PHE D 120 18.61 11.95 45.60
CA PHE D 120 17.85 13.10 46.08
C PHE D 120 16.62 12.59 46.81
N PRO D 121 16.37 13.03 48.04
CA PRO D 121 15.18 12.57 48.76
C PRO D 121 13.95 13.31 48.28
N PRO D 122 12.76 12.75 48.49
CA PRO D 122 11.53 13.49 48.16
C PRO D 122 11.41 14.73 49.03
N SER D 123 11.04 15.84 48.40
CA SER D 123 10.77 17.04 49.18
C SER D 123 9.56 16.81 50.08
N ASP D 124 9.59 17.44 51.26
CA ASP D 124 8.43 17.35 52.14
C ASP D 124 7.20 17.92 51.46
N GLU D 125 7.39 18.87 50.55
CA GLU D 125 6.27 19.47 49.83
C GLU D 125 5.56 18.42 48.99
N GLN D 126 6.32 17.58 48.30
CA GLN D 126 5.74 16.52 47.48
C GLN D 126 5.15 15.45 48.39
N THR D 131 1.97 11.55 46.85
CA THR D 131 2.97 10.96 45.98
C THR D 131 4.38 11.37 46.41
N ALA D 132 5.35 10.49 46.15
CA ALA D 132 6.74 10.74 46.53
C ALA D 132 7.63 10.25 45.41
N SER D 133 8.61 11.07 45.02
CA SER D 133 9.51 10.74 43.93
C SER D 133 10.96 10.87 44.39
N VAL D 134 11.73 9.80 44.19
CA VAL D 134 13.14 9.74 44.54
C VAL D 134 13.95 9.72 43.24
N VAL D 135 15.01 10.52 43.20
CA VAL D 135 15.78 10.75 41.98
C VAL D 135 17.21 10.23 42.18
N CYS D 136 17.72 9.54 41.17
CA CYS D 136 19.10 9.08 41.13
C CYS D 136 19.75 9.66 39.89
N LEU D 137 20.80 10.44 40.08
CA LEU D 137 21.43 11.20 39.00
C LEU D 137 22.76 10.56 38.61
N LEU D 138 22.92 10.26 37.33
CA LEU D 138 24.16 9.76 36.77
C LEU D 138 24.71 10.83 35.83
N ASN D 139 25.85 11.41 36.20
CA ASN D 139 26.35 12.61 35.55
C ASN D 139 27.66 12.33 34.82
N ASN D 140 27.73 12.79 33.57
CA ASN D 140 28.97 12.82 32.80
C ASN D 140 29.65 11.45 32.78
N PHE D 141 29.03 10.53 32.05
CA PHE D 141 29.56 9.18 31.91
C PHE D 141 29.61 8.77 30.44
N TYR D 142 30.45 7.77 30.17
CA TYR D 142 30.58 7.21 28.83
C TYR D 142 31.14 5.81 28.96
N PRO D 143 30.63 4.82 28.21
CA PRO D 143 29.55 4.92 27.22
C PRO D 143 28.16 5.03 27.84
N ARG D 144 27.13 5.02 26.99
CA ARG D 144 25.77 5.26 27.45
C ARG D 144 25.22 4.08 28.24
N GLU D 145 25.69 2.87 27.97
CA GLU D 145 25.20 1.69 28.66
C GLU D 145 25.39 1.84 30.17
N ALA D 146 24.33 1.60 30.92
CA ALA D 146 24.39 1.72 32.38
C ALA D 146 23.15 1.07 32.98
N LYS D 147 23.32 0.52 34.18
CA LYS D 147 22.24 -0.11 34.92
C LYS D 147 21.96 0.68 36.19
N VAL D 148 20.68 0.79 36.54
CA VAL D 148 20.25 1.49 37.74
C VAL D 148 19.17 0.64 38.39
N GLN D 149 19.43 0.18 39.60
CA GLN D 149 18.49 -0.64 40.36
C GLN D 149 18.14 0.05 41.65
N TRP D 150 16.84 0.21 41.91
CA TRP D 150 16.37 0.78 43.15
C TRP D 150 16.14 -0.33 44.17
N LYS D 151 16.61 -0.11 45.38
CA LYS D 151 16.45 -1.05 46.47
C LYS D 151 16.01 -0.29 47.71
N VAL D 152 14.82 -0.62 48.20
CA VAL D 152 14.26 0.00 49.41
C VAL D 152 14.22 -1.10 50.47
N ASP D 153 15.09 -1.00 51.47
CA ASP D 153 15.25 -2.02 52.49
C ASP D 153 15.77 -3.33 51.88
N ASN D 154 16.64 -3.19 50.88
CA ASN D 154 17.29 -4.30 50.17
C ASN D 154 16.33 -5.08 49.29
N LEU D 156 14.61 -5.15 45.92
CA LEU D 156 14.80 -4.47 44.64
C LEU D 156 13.45 -4.08 44.04
N GLN D 157 13.21 -2.78 43.90
CA GLN D 157 11.98 -2.32 43.30
C GLN D 157 12.00 -2.59 41.80
N SER D 158 10.82 -2.86 41.24
CA SER D 158 10.72 -3.22 39.83
C SER D 158 9.40 -2.70 39.27
N GLY D 159 9.51 -1.86 38.23
CA GLY D 159 8.34 -1.35 37.55
C GLY D 159 7.79 -0.06 38.12
N ASN D 160 8.55 0.63 38.97
CA ASN D 160 8.11 1.88 39.60
C ASN D 160 9.12 2.99 39.42
N SER D 161 9.95 2.91 38.38
CA SER D 161 10.97 3.91 38.10
C SER D 161 10.94 4.29 36.62
N GLN D 162 11.34 5.53 36.35
CA GLN D 162 11.38 6.06 34.98
C GLN D 162 12.77 6.63 34.73
N GLU D 163 13.41 6.18 33.66
CA GLU D 163 14.73 6.67 33.30
C GLU D 163 14.64 7.69 32.18
N SER D 164 15.58 8.63 32.20
CA SER D 164 15.69 9.65 31.16
C SER D 164 17.16 10.00 30.99
N VAL D 165 17.58 10.19 29.75
CA VAL D 165 18.99 10.40 29.44
C VAL D 165 19.11 11.52 28.42
N THR D 166 20.12 12.38 28.60
CA THR D 166 20.37 13.46 27.68
C THR D 166 21.19 12.98 26.48
N GLU D 167 21.14 13.77 25.41
CA GLU D 167 21.97 13.49 24.26
C GLU D 167 23.43 13.84 24.56
N GLN D 168 24.33 13.16 23.85
CA GLN D 168 25.76 13.33 24.09
C GLN D 168 26.15 14.80 24.13
N ASP D 169 26.71 15.23 25.25
CA ASP D 169 27.10 16.63 25.43
C ASP D 169 28.04 17.05 24.30
N SER D 170 27.97 18.33 23.97
CA SER D 170 28.78 18.90 22.88
C SER D 170 30.18 19.29 23.32
N LYS D 171 30.45 19.36 24.62
CA LYS D 171 31.74 19.79 25.14
C LYS D 171 32.61 18.64 25.63
N ASP D 172 32.05 17.70 26.38
CA ASP D 172 32.80 16.59 26.93
C ASP D 172 32.41 15.24 26.32
N SER D 173 31.41 15.20 25.44
CA SER D 173 31.01 13.97 24.76
C SER D 173 30.54 12.91 25.75
N THR D 174 29.90 13.32 26.84
CA THR D 174 29.36 12.40 27.83
C THR D 174 27.85 12.45 27.85
N TYR D 175 27.26 11.53 28.60
CA TYR D 175 25.82 11.44 28.79
C TYR D 175 25.48 11.68 30.25
N SER D 176 24.23 12.04 30.50
CA SER D 176 23.69 12.14 31.85
C SER D 176 22.37 11.39 31.91
N LEU D 177 22.14 10.69 33.01
CA LEU D 177 20.95 9.87 33.16
C LEU D 177 20.31 10.13 34.52
N SER D 178 18.98 10.11 34.54
CA SER D 178 18.21 10.26 35.77
C SER D 178 17.22 9.11 35.88
N SER D 179 17.20 8.48 37.05
CA SER D 179 16.23 7.44 37.36
C SER D 179 15.36 7.93 38.51
N THR D 180 14.05 7.97 38.30
CA THR D 180 13.11 8.56 39.25
C THR D 180 12.20 7.45 39.78
N LEU D 181 12.40 7.08 41.04
CA LEU D 181 11.52 6.15 41.74
C LEU D 181 10.35 6.94 42.33
N THR D 182 9.14 6.47 42.07
CA THR D 182 7.94 7.16 42.56
C THR D 182 7.15 6.24 43.49
N LYS D 190 6.93 4.61 55.45
CA LYS D 190 6.67 3.18 55.48
C LYS D 190 7.97 2.38 55.41
N HIS D 191 9.03 3.01 54.90
CA HIS D 191 10.35 2.39 54.80
C HIS D 191 11.42 3.35 55.28
N LYS D 192 12.62 2.81 55.51
CA LYS D 192 13.69 3.54 56.17
C LYS D 192 14.88 3.76 55.26
N VAL D 193 15.33 2.74 54.54
CA VAL D 193 16.53 2.80 53.72
C VAL D 193 16.12 2.80 52.25
N TYR D 194 16.60 3.79 51.50
CA TYR D 194 16.33 3.89 50.07
C TYR D 194 17.63 4.12 49.33
N ALA D 195 17.88 3.32 48.29
CA ALA D 195 19.16 3.30 47.61
C ALA D 195 18.96 3.05 46.12
N CYS D 196 19.87 3.61 45.31
CA CYS D 196 19.98 3.27 43.90
C CYS D 196 21.38 2.74 43.65
N GLU D 197 21.45 1.57 43.01
CA GLU D 197 22.71 0.90 42.73
C GLU D 197 23.05 1.09 41.26
N VAL D 198 24.16 1.78 40.99
CA VAL D 198 24.58 2.10 39.63
C VAL D 198 25.69 1.14 39.24
N THR D 199 25.58 0.57 38.04
CA THR D 199 26.61 -0.31 37.49
C THR D 199 27.05 0.27 36.15
N HIS D 200 28.34 0.55 36.03
CA HIS D 200 28.86 1.14 34.82
C HIS D 200 30.28 0.65 34.57
N GLN D 201 30.63 0.53 33.29
CA GLN D 201 31.95 0.06 32.88
C GLN D 201 33.06 0.83 33.61
N GLY D 202 32.99 2.16 33.59
CA GLY D 202 34.03 2.99 34.19
C GLY D 202 34.20 2.82 35.68
N LEU D 203 33.26 2.13 36.35
CA LEU D 203 33.35 1.88 37.77
C LEU D 203 34.05 0.55 38.02
N SER D 204 34.94 0.52 39.00
CA SER D 204 35.60 -0.74 39.35
C SER D 204 34.57 -1.77 39.80
N SER D 205 33.61 -1.37 40.62
CA SER D 205 32.50 -2.20 41.04
C SER D 205 31.27 -1.31 41.18
N PRO D 206 30.08 -1.90 41.10
CA PRO D 206 28.86 -1.08 41.18
C PRO D 206 28.83 -0.23 42.45
N VAL D 207 28.45 1.03 42.28
CA VAL D 207 28.39 2.01 43.37
C VAL D 207 26.95 2.17 43.81
N THR D 208 26.74 2.32 45.12
CA THR D 208 25.43 2.50 45.71
C THR D 208 25.40 3.83 46.43
N LYS D 209 24.34 4.61 46.21
CA LYS D 209 24.14 5.88 46.89
C LYS D 209 22.83 5.83 47.67
N SER D 210 22.94 5.88 48.99
CA SER D 210 21.78 5.77 49.87
C SER D 210 21.90 6.82 50.98
N PHE D 211 20.83 7.55 51.22
CA PHE D 211 20.79 8.52 52.30
C PHE D 211 19.74 8.14 53.34
N TRP E 8 7.13 -36.47 10.51
CA TRP E 8 6.43 -36.67 9.25
C TRP E 8 6.02 -38.13 9.06
N ALA E 9 6.41 -38.98 10.01
CA ALA E 9 6.01 -40.38 9.96
C ALA E 9 4.50 -40.55 10.04
N SER E 10 3.80 -39.59 10.63
CA SER E 10 2.36 -39.68 10.82
C SER E 10 1.56 -39.03 9.70
N LEU E 11 2.21 -38.52 8.65
CA LEU E 11 1.52 -37.90 7.54
C LEU E 11 1.26 -38.96 6.47
N TRP E 12 -0.01 -39.27 6.24
CA TRP E 12 -0.41 -40.24 5.23
C TRP E 12 -1.39 -39.56 4.28
N ASN E 13 -1.12 -39.64 2.98
CA ASN E 13 -2.08 -39.13 1.99
C ASN E 13 -1.95 -39.91 0.70
N TRP E 14 -2.73 -39.47 -0.30
CA TRP E 14 -2.74 -40.12 -1.62
C TRP E 14 -1.34 -40.31 -2.17
N PHE E 15 -0.47 -39.31 -1.99
CA PHE E 15 0.86 -39.35 -2.58
C PHE E 15 1.69 -40.49 -2.00
N ASP E 16 1.43 -40.85 -0.73
CA ASP E 16 2.12 -41.99 -0.14
C ASP E 16 1.68 -43.31 -0.78
N ILE E 17 0.42 -43.43 -1.18
CA ILE E 17 -0.02 -44.61 -1.91
C ILE E 17 0.72 -44.72 -3.24
N THR E 18 0.65 -43.66 -4.05
CA THR E 18 1.19 -43.73 -5.40
C THR E 18 2.68 -44.04 -5.39
N ASN E 19 3.41 -43.51 -4.42
CA ASN E 19 4.83 -43.85 -4.30
C ASN E 19 5.03 -45.30 -3.91
N TRP E 20 4.10 -45.87 -3.15
CA TRP E 20 4.20 -47.27 -2.76
C TRP E 20 3.82 -48.20 -3.91
N LEU E 21 2.78 -47.84 -4.67
CA LEU E 21 2.43 -48.64 -5.85
C LEU E 21 3.51 -48.51 -6.92
N TRP E 22 4.11 -47.33 -7.07
CA TRP E 22 5.20 -47.17 -8.01
C TRP E 22 6.37 -48.08 -7.64
N TYR E 23 6.78 -48.05 -6.36
CA TYR E 23 7.89 -48.89 -5.92
C TYR E 23 7.59 -50.36 -6.19
N ILE E 24 6.37 -50.80 -5.90
CA ILE E 24 6.01 -52.20 -6.13
C ILE E 24 6.12 -52.53 -7.61
N ARG E 25 5.57 -51.67 -8.47
CA ARG E 25 5.60 -51.93 -9.90
C ARG E 25 7.04 -51.99 -10.41
N LYS E 26 7.82 -50.95 -10.13
CA LYS E 26 9.19 -50.84 -10.64
C LYS E 26 10.19 -51.66 -9.84
N LYS E 27 9.75 -52.66 -9.10
CA LYS E 27 10.66 -53.51 -8.33
C LYS E 27 9.92 -54.70 -7.73
N ALA F 9 4.35 30.20 -18.83
CA ALA F 9 3.14 29.41 -19.04
C ALA F 9 3.50 27.97 -19.36
N SER F 10 4.70 27.79 -19.91
CA SER F 10 5.20 26.46 -20.26
C SER F 10 6.06 25.97 -19.10
N LEU F 11 5.50 25.06 -18.32
CA LEU F 11 6.20 24.52 -17.15
C LEU F 11 6.98 23.27 -17.55
N TRP F 12 8.30 23.36 -17.42
CA TRP F 12 9.20 22.25 -17.69
C TRP F 12 9.98 21.89 -16.44
N ASN F 13 9.94 20.63 -16.05
CA ASN F 13 10.73 20.11 -14.96
C ASN F 13 11.00 18.63 -15.22
N TRP F 14 11.63 17.98 -14.25
CA TRP F 14 11.97 16.56 -14.39
C TRP F 14 10.79 15.73 -14.85
N PHE F 15 9.59 16.01 -14.31
CA PHE F 15 8.44 15.16 -14.60
C PHE F 15 8.04 15.24 -16.07
N ASP F 16 8.21 16.41 -16.70
CA ASP F 16 7.93 16.52 -18.12
C ASP F 16 8.93 15.73 -18.94
N ILE F 17 10.17 15.62 -18.46
CA ILE F 17 11.17 14.79 -19.14
C ILE F 17 10.69 13.35 -19.18
N THR F 18 10.38 12.78 -18.01
CA THR F 18 10.01 11.37 -17.93
C THR F 18 8.78 11.07 -18.78
N ASN F 19 7.84 12.02 -18.85
CA ASN F 19 6.66 11.81 -19.69
C ASN F 19 7.03 11.74 -21.18
N TRP F 20 8.08 12.44 -21.59
CA TRP F 20 8.51 12.39 -22.98
C TRP F 20 9.25 11.08 -23.27
N LEU F 21 10.07 10.61 -22.33
CA LEU F 21 10.71 9.31 -22.50
C LEU F 21 9.69 8.19 -22.47
N TRP F 22 8.65 8.32 -21.64
CA TRP F 22 7.56 7.35 -21.63
C TRP F 22 6.87 7.29 -22.98
N TYR F 23 6.50 8.45 -23.53
CA TYR F 23 5.84 8.48 -24.82
C TYR F 23 6.69 7.84 -25.89
N ILE F 24 8.00 8.13 -25.90
CA ILE F 24 8.88 7.57 -26.92
C ILE F 24 8.92 6.06 -26.81
N ARG F 25 9.13 5.53 -25.60
CA ARG F 25 9.21 4.09 -25.43
C ARG F 25 7.90 3.40 -25.81
N LYS F 26 6.79 3.88 -25.26
CA LYS F 26 5.49 3.25 -25.47
C LYS F 26 4.88 3.61 -26.83
N LYS F 27 5.69 4.05 -27.80
CA LYS F 27 5.21 4.38 -29.13
C LYS F 27 6.37 4.66 -30.08
CA CA G . 0.63 -26.98 10.98
CL CL H . -6.79 16.90 31.77
#